data_4HZL
#
_entry.id   4HZL
#
_cell.length_a   137.252
_cell.length_b   137.252
_cell.length_c   140.490
_cell.angle_alpha   90.00
_cell.angle_beta   90.00
_cell.angle_gamma   90.00
#
_symmetry.space_group_name_H-M   'P 43 21 2'
#
loop_
_entity.id
_entity.type
_entity.pdbx_description
1 polymer 'Fab heavy chain'
2 polymer 'Fab light chain'
3 polymer 'E2 envelop protein'
4 water water
#
loop_
_entity_poly.entity_id
_entity_poly.type
_entity_poly.pdbx_seq_one_letter_code
_entity_poly.pdbx_strand_id
1 'polypeptide(L)'
;EVMLVESGGDLVKPGGSLKLPCAASGFTVSTYAMSWIRQTPEKRLEWVATISSGGSYTYYPDNVKGRFTISRDIAKNTLY
LQMSSLRSEDTAMYYCARHPPTVVAGDAMDYWGQGTSVTVSSAKTTPPSVYPLAPGSAAQTNSMVTLGCLVKGYFPEPVT
VTWNSGSLSSGVHTFPAVLQSDLYTLSSSVTVPSSTWPSETVTCNVAHPASSTKVDKKIVPR
;
H,A
2 'polypeptide(L)'
;DVLMTQTPLSLPVSLGDQASISCRSSQSLVHSDGNTYLEWYLQKPGQSPNLLIYKLSNRFSGVPDRFSGSGSGTDFTLKI
SRVEAEDLGVYYCFQGSHVPPTFGGGTKLEIKRADAAPTVSIFPPSSEQLTSGGASVVCFLNNFYPKDINVKWKIDGSER
QNGVLNSWTDQDSKDSTYSMSSTLTLTKDEYERHNSYTCEATHKTSTSPIVKSFNRN
;
L,B
3 'polypeptide(L)' NESLNTGWLAGLFYQHK E,F
#
# COMPACT_ATOMS: atom_id res chain seq x y z
N GLU A 1 -23.17 28.45 -29.43
CA GLU A 1 -23.03 29.23 -28.20
C GLU A 1 -21.58 29.61 -27.94
N VAL A 2 -21.33 30.15 -26.76
CA VAL A 2 -20.00 30.57 -26.31
C VAL A 2 -19.19 29.32 -26.08
N MET A 3 -17.97 29.35 -26.60
CA MET A 3 -17.06 28.21 -26.53
C MET A 3 -15.61 28.66 -26.54
N LEU A 4 -14.86 28.07 -25.62
CA LEU A 4 -13.45 28.31 -25.41
C LEU A 4 -12.80 26.96 -25.52
N VAL A 5 -11.79 26.86 -26.38
CA VAL A 5 -11.09 25.61 -26.59
C VAL A 5 -9.61 25.83 -26.39
N GLU A 6 -9.12 25.40 -25.23
CA GLU A 6 -7.70 25.36 -24.90
C GLU A 6 -7.02 24.25 -25.69
N SER A 7 -5.76 24.46 -26.01
CA SER A 7 -4.95 23.44 -26.63
C SER A 7 -3.51 23.76 -26.22
N GLY A 8 -2.58 22.86 -26.50
CA GLY A 8 -1.14 23.09 -26.31
C GLY A 8 -0.53 22.26 -25.19
N GLY A 9 -1.39 21.71 -24.32
CA GLY A 9 -0.99 20.84 -23.21
C GLY A 9 0.00 19.81 -23.69
N ASP A 10 0.79 19.24 -22.78
CA ASP A 10 1.88 18.35 -23.15
C ASP A 10 2.65 17.96 -21.89
N LEU A 11 3.54 17.00 -22.06
CA LEU A 11 4.52 16.62 -21.07
C LEU A 11 5.79 17.41 -21.36
N VAL A 12 6.29 18.15 -20.36
CA VAL A 12 7.62 18.77 -20.47
C VAL A 12 8.51 18.62 -19.25
N LYS A 13 9.81 18.58 -19.50
CA LYS A 13 10.83 18.48 -18.44
C LYS A 13 10.83 19.72 -17.54
N PRO A 14 11.14 19.56 -16.24
CA PRO A 14 11.19 20.71 -15.35
C PRO A 14 12.15 21.74 -15.86
N GLY A 15 11.79 23.01 -15.73
CA GLY A 15 12.65 24.10 -16.17
C GLY A 15 12.44 24.35 -17.64
N GLY A 16 11.54 23.57 -18.22
CA GLY A 16 11.19 23.69 -19.63
C GLY A 16 10.28 24.86 -19.95
N SER A 17 9.61 24.76 -21.08
CA SER A 17 8.75 25.84 -21.59
C SER A 17 7.58 25.31 -22.43
N LEU A 18 6.47 26.04 -22.45
CA LEU A 18 5.46 25.86 -23.49
C LEU A 18 4.29 26.84 -23.48
N LYS A 19 3.64 26.94 -24.63
CA LYS A 19 2.59 27.92 -24.83
C LYS A 19 1.25 27.24 -25.02
N LEU A 20 0.30 27.62 -24.20
CA LEU A 20 -1.06 27.24 -24.43
C LEU A 20 -1.76 28.36 -25.25
N PRO A 21 -2.45 28.00 -26.37
CA PRO A 21 -3.59 28.83 -26.84
C PRO A 21 -4.96 28.40 -26.31
N CYS A 22 -5.92 29.31 -26.44
CA CYS A 22 -7.32 29.09 -26.08
C CYS A 22 -8.18 29.87 -27.05
N ALA A 23 -8.87 29.15 -27.93
CA ALA A 23 -9.63 29.77 -29.01
C ALA A 23 -11.11 29.96 -28.68
N ALA A 24 -11.53 31.21 -28.80
CA ALA A 24 -12.88 31.60 -28.49
C ALA A 24 -13.72 31.61 -29.73
N SER A 25 -14.86 30.95 -29.61
CA SER A 25 -15.90 31.09 -30.58
C SER A 25 -17.20 31.41 -29.84
N GLY A 26 -18.05 32.24 -30.43
CA GLY A 26 -19.33 32.56 -29.81
C GLY A 26 -19.33 33.97 -29.22
N PHE A 27 -18.12 34.50 -29.03
CA PHE A 27 -17.94 35.86 -28.55
C PHE A 27 -16.58 36.41 -28.96
N THR A 28 -16.44 37.74 -28.91
CA THR A 28 -15.15 38.33 -29.26
C THR A 28 -14.29 38.42 -28.01
N VAL A 29 -13.02 38.04 -28.14
CA VAL A 29 -12.11 38.06 -27.01
C VAL A 29 -11.83 39.49 -26.56
N SER A 30 -11.84 40.41 -27.52
CA SER A 30 -11.40 41.81 -27.32
C SER A 30 -12.36 42.62 -26.46
N THR A 31 -13.42 41.99 -25.97
CA THR A 31 -14.44 42.72 -25.23
C THR A 31 -14.74 42.09 -23.86
N TYR A 32 -13.88 41.15 -23.46
CA TYR A 32 -14.03 40.43 -22.19
C TYR A 32 -12.75 40.29 -21.42
N ALA A 33 -12.91 40.25 -20.10
CA ALA A 33 -11.77 39.98 -19.25
C ALA A 33 -11.65 38.48 -19.23
N MET A 34 -10.40 38.02 -19.25
CA MET A 34 -10.09 36.62 -19.41
C MET A 34 -8.96 36.11 -18.52
N SER A 35 -9.15 34.93 -17.96
CA SER A 35 -8.18 34.35 -17.07
C SER A 35 -7.83 32.94 -17.48
N TRP A 36 -6.65 32.48 -17.03
CA TRP A 36 -6.31 31.07 -16.97
C TRP A 36 -6.40 30.62 -15.55
N ILE A 37 -7.03 29.47 -15.34
CA ILE A 37 -7.12 28.87 -14.01
C ILE A 37 -6.76 27.41 -14.14
N ARG A 38 -6.03 26.86 -13.17
CA ARG A 38 -5.56 25.48 -13.26
C ARG A 38 -6.13 24.60 -12.13
N GLN A 39 -6.28 23.31 -12.44
CA GLN A 39 -6.75 22.34 -11.49
C GLN A 39 -5.79 21.16 -11.37
N THR A 40 -5.30 20.92 -10.16
CA THR A 40 -4.20 19.97 -9.96
C THR A 40 -4.81 18.60 -9.98
N PRO A 41 -4.00 17.56 -10.26
CA PRO A 41 -4.45 16.16 -10.27
C PRO A 41 -5.32 15.84 -9.06
N GLU A 42 -5.07 16.53 -7.96
CA GLU A 42 -5.84 16.34 -6.74
C GLU A 42 -7.06 17.26 -6.62
N LYS A 43 -7.43 17.92 -7.73
CA LYS A 43 -8.71 18.63 -7.85
C LYS A 43 -8.72 20.02 -7.21
N ARG A 44 -7.55 20.45 -6.75
CA ARG A 44 -7.41 21.80 -6.21
C ARG A 44 -7.27 22.79 -7.36
N LEU A 45 -8.08 23.84 -7.30
CA LEU A 45 -8.16 24.87 -8.32
C LEU A 45 -7.39 26.06 -7.84
N GLU A 46 -6.44 26.54 -8.63
CA GLU A 46 -5.67 27.72 -8.24
C GLU A 46 -5.56 28.73 -9.37
N TRP A 47 -5.39 29.99 -9.00
CA TRP A 47 -5.39 31.06 -10.01
C TRP A 47 -4.14 31.08 -10.80
N VAL A 48 -4.21 31.31 -12.10
CA VAL A 48 -2.98 31.39 -12.86
C VAL A 48 -2.68 32.78 -13.40
N ALA A 49 -3.60 33.39 -14.13
CA ALA A 49 -3.33 34.71 -14.73
C ALA A 49 -4.61 35.40 -15.17
N THR A 50 -4.55 36.71 -15.39
CA THR A 50 -5.73 37.42 -15.85
C THR A 50 -5.34 38.59 -16.72
N ILE A 51 -6.17 38.86 -17.73
CA ILE A 51 -6.00 40.03 -18.62
C ILE A 51 -7.26 40.89 -18.59
N SER A 52 -7.06 42.21 -18.60
CA SER A 52 -8.18 43.17 -18.44
C SER A 52 -9.06 43.18 -19.69
N SER A 53 -10.37 43.39 -19.49
CA SER A 53 -11.32 43.48 -20.61
C SER A 53 -10.83 44.37 -21.75
N GLY A 54 -10.08 45.39 -21.42
CA GLY A 54 -9.53 46.28 -22.44
C GLY A 54 -8.13 45.91 -22.87
N GLY A 55 -7.57 44.90 -22.21
CA GLY A 55 -6.29 44.35 -22.60
C GLY A 55 -5.06 45.08 -22.17
N SER A 56 -5.19 46.07 -21.30
CA SER A 56 -4.04 46.88 -20.89
C SER A 56 -3.44 46.41 -19.58
N TYR A 57 -4.08 45.47 -18.90
CA TYR A 57 -3.55 45.06 -17.59
C TYR A 57 -3.49 43.54 -17.40
N THR A 58 -2.53 43.13 -16.59
CA THR A 58 -2.31 41.71 -16.33
C THR A 58 -2.03 41.45 -14.86
N TYR A 59 -2.52 40.33 -14.36
CA TYR A 59 -2.20 39.90 -13.00
C TYR A 59 -1.68 38.46 -13.00
N TYR A 60 -0.82 38.13 -12.04
CA TYR A 60 -0.31 36.77 -11.80
C TYR A 60 -0.06 36.66 -10.31
N PRO A 61 -0.60 35.62 -9.66
CA PRO A 61 -0.24 35.44 -8.26
C PRO A 61 1.23 35.14 -8.18
N ASP A 62 1.81 35.37 -7.01
CA ASP A 62 3.25 35.31 -6.81
C ASP A 62 3.99 34.04 -7.23
N ASN A 63 3.34 32.88 -7.12
CA ASN A 63 3.96 31.61 -7.51
C ASN A 63 4.19 31.43 -9.02
N VAL A 64 3.49 32.17 -9.86
CA VAL A 64 3.67 32.10 -11.32
C VAL A 64 4.17 33.41 -11.90
N LYS A 65 4.11 34.45 -11.09
CA LYS A 65 4.54 35.75 -11.55
C LYS A 65 5.94 35.65 -12.14
N GLY A 66 6.25 36.44 -13.15
CA GLY A 66 7.60 36.49 -13.67
C GLY A 66 8.02 35.29 -14.49
N ARG A 67 7.28 34.18 -14.42
CA ARG A 67 7.59 33.00 -15.23
C ARG A 67 6.58 32.79 -16.37
N PHE A 68 5.40 33.39 -16.20
CA PHE A 68 4.24 33.15 -17.06
C PHE A 68 3.81 34.45 -17.71
N THR A 69 3.19 34.37 -18.88
CA THR A 69 2.67 35.55 -19.56
C THR A 69 1.33 35.29 -20.21
N ILE A 70 0.33 36.04 -19.80
CA ILE A 70 -0.96 35.94 -20.48
C ILE A 70 -1.01 37.02 -21.57
N SER A 71 -1.27 36.60 -22.80
CA SER A 71 -1.44 37.54 -23.89
C SER A 71 -2.75 37.23 -24.60
N ARG A 72 -3.26 38.21 -25.34
CA ARG A 72 -4.43 38.01 -26.19
C ARG A 72 -4.16 38.54 -27.59
N ASP A 73 -4.72 37.88 -28.59
CA ASP A 73 -4.56 38.37 -29.93
C ASP A 73 -5.94 38.64 -30.53
N ILE A 74 -6.38 39.91 -30.47
CA ILE A 74 -7.76 40.25 -30.76
C ILE A 74 -8.16 39.88 -32.20
N ALA A 75 -7.21 40.00 -33.14
CA ALA A 75 -7.36 39.49 -34.48
C ALA A 75 -7.61 37.96 -34.51
N LYS A 76 -6.85 37.17 -33.77
CA LYS A 76 -7.07 35.72 -33.82
C LYS A 76 -8.26 35.30 -32.95
N ASN A 77 -8.74 36.24 -32.14
CA ASN A 77 -9.77 35.97 -31.18
C ASN A 77 -9.34 34.78 -30.29
N THR A 78 -8.08 34.83 -29.86
CA THR A 78 -7.45 33.74 -29.09
C THR A 78 -6.63 34.30 -27.92
N LEU A 79 -6.71 33.59 -26.80
CA LEU A 79 -6.00 33.92 -25.57
C LEU A 79 -4.82 32.99 -25.47
N TYR A 80 -3.68 33.48 -25.01
CA TYR A 80 -2.46 32.65 -24.84
C TYR A 80 -1.94 32.55 -23.41
N LEU A 81 -1.17 31.51 -23.13
CA LEU A 81 -0.43 31.43 -21.85
C LEU A 81 0.97 30.91 -22.07
N GLN A 82 1.93 31.81 -22.08
CA GLN A 82 3.29 31.40 -22.31
C GLN A 82 3.86 30.94 -20.98
N MET A 83 4.34 29.71 -20.91
CA MET A 83 4.81 29.20 -19.62
C MET A 83 6.24 28.84 -19.73
N SER A 84 7.09 29.49 -18.95
CA SER A 84 8.51 29.23 -18.99
C SER A 84 8.97 28.77 -17.63
N SER A 85 10.18 28.18 -17.59
CA SER A 85 10.83 27.83 -16.36
C SER A 85 9.89 27.01 -15.50
N LEU A 86 9.40 25.91 -16.06
CA LEU A 86 8.31 25.11 -15.47
C LEU A 86 8.74 24.27 -14.27
N ARG A 87 7.85 24.13 -13.31
CA ARG A 87 8.12 23.31 -12.12
C ARG A 87 7.14 22.17 -12.02
N SER A 88 7.53 21.06 -11.42
CA SER A 88 6.59 19.94 -11.30
C SER A 88 5.28 20.35 -10.59
N GLU A 89 5.35 21.32 -9.68
CA GLU A 89 4.17 21.84 -9.01
C GLU A 89 3.16 22.49 -9.97
N ASP A 90 3.62 22.81 -11.20
CA ASP A 90 2.79 23.40 -12.25
C ASP A 90 1.94 22.35 -12.98
N THR A 91 2.18 21.08 -12.68
CA THR A 91 1.44 19.97 -13.31
C THR A 91 -0.05 19.99 -12.93
N ALA A 92 -0.89 20.28 -13.90
CA ALA A 92 -2.30 20.43 -13.65
C ALA A 92 -3.03 20.60 -14.98
N MET A 93 -4.34 20.71 -14.89
CA MET A 93 -5.18 20.99 -16.04
C MET A 93 -5.38 22.47 -16.20
N TYR A 94 -5.19 22.98 -17.40
CA TYR A 94 -5.25 24.41 -17.56
C TYR A 94 -6.53 24.76 -18.26
N TYR A 95 -7.39 25.46 -17.52
CA TYR A 95 -8.67 25.94 -18.02
C TYR A 95 -8.50 27.39 -18.38
N CYS A 96 -9.33 27.81 -19.32
CA CYS A 96 -9.34 29.13 -19.90
C CYS A 96 -10.73 29.69 -19.58
N ALA A 97 -10.84 30.89 -19.05
CA ALA A 97 -12.16 31.33 -18.63
C ALA A 97 -12.39 32.81 -18.88
N ARG A 98 -13.65 33.21 -19.11
CA ARG A 98 -13.99 34.61 -19.30
C ARG A 98 -14.87 35.17 -18.18
N HIS A 99 -14.72 36.46 -17.93
CA HIS A 99 -15.55 37.19 -17.04
C HIS A 99 -16.38 38.18 -17.77
N PRO A 100 -17.69 38.09 -17.66
CA PRO A 100 -18.57 39.10 -18.20
C PRO A 100 -18.52 40.41 -17.36
N PRO A 101 -19.03 41.52 -17.90
CA PRO A 101 -19.17 42.77 -17.16
C PRO A 101 -19.76 42.60 -15.76
N THR A 102 -19.35 43.50 -14.87
CA THR A 102 -19.67 43.38 -13.45
C THR A 102 -21.15 43.50 -13.26
N VAL A 103 -21.80 44.16 -14.20
CA VAL A 103 -23.26 44.28 -14.18
C VAL A 103 -23.99 42.95 -14.47
N VAL A 104 -23.29 42.03 -15.17
CA VAL A 104 -23.85 40.74 -15.60
C VAL A 104 -23.68 39.66 -14.54
N ALA A 105 -22.45 39.49 -14.07
CA ALA A 105 -22.14 38.44 -13.11
C ALA A 105 -21.07 38.81 -12.09
N GLY A 106 -21.29 39.90 -11.35
CA GLY A 106 -20.36 40.42 -10.34
C GLY A 106 -18.91 40.02 -10.49
N ASP A 107 -18.36 40.28 -11.67
CA ASP A 107 -16.98 39.86 -12.03
C ASP A 107 -16.63 38.36 -11.99
N ALA A 108 -17.59 37.49 -11.68
CA ALA A 108 -17.38 36.06 -11.75
C ALA A 108 -17.19 35.54 -13.19
N MET A 109 -16.83 34.26 -13.30
CA MET A 109 -16.55 33.60 -14.59
C MET A 109 -17.75 32.79 -15.09
N ASP A 110 -18.29 33.18 -16.23
CA ASP A 110 -19.48 32.53 -16.69
C ASP A 110 -19.16 31.30 -17.52
N TYR A 111 -18.16 31.39 -18.41
CA TYR A 111 -17.77 30.24 -19.24
C TYR A 111 -16.33 29.82 -19.01
N TRP A 112 -16.12 28.50 -19.06
CA TRP A 112 -14.83 27.85 -18.87
C TRP A 112 -14.61 26.91 -20.01
N GLY A 113 -13.40 26.83 -20.55
CA GLY A 113 -13.10 25.86 -21.59
C GLY A 113 -13.08 24.44 -21.04
N GLN A 114 -12.48 23.51 -21.76
CA GLN A 114 -12.55 22.08 -21.39
C GLN A 114 -11.26 21.58 -20.71
N GLY A 115 -10.20 22.42 -20.78
CA GLY A 115 -8.90 22.15 -20.19
C GLY A 115 -7.91 21.59 -21.19
N THR A 116 -6.63 21.86 -21.00
CA THR A 116 -5.57 21.09 -21.68
C THR A 116 -4.79 20.62 -20.51
N SER A 117 -4.09 19.52 -20.69
CA SER A 117 -3.39 18.94 -19.58
C SER A 117 -1.89 19.08 -19.76
N VAL A 118 -1.27 19.66 -18.73
CA VAL A 118 0.17 19.89 -18.69
C VAL A 118 0.74 19.01 -17.60
N THR A 119 1.90 18.41 -17.89
CA THR A 119 2.67 17.57 -16.96
C THR A 119 4.12 18.04 -16.97
N VAL A 120 4.63 18.53 -15.82
CA VAL A 120 6.05 18.93 -15.68
C VAL A 120 6.74 17.81 -14.98
N SER A 121 7.58 17.11 -15.74
CA SER A 121 8.26 15.91 -15.28
C SER A 121 9.43 15.58 -16.20
N SER A 122 10.43 14.90 -15.65
CA SER A 122 11.54 14.44 -16.46
C SER A 122 11.40 12.96 -16.84
N ALA A 123 10.46 12.28 -16.18
CA ALA A 123 10.13 10.87 -16.43
C ALA A 123 9.98 10.59 -17.91
N LYS A 124 10.55 9.50 -18.39
CA LYS A 124 10.55 9.27 -19.83
C LYS A 124 9.24 8.62 -20.29
N THR A 125 8.83 9.01 -21.50
CA THR A 125 7.59 8.50 -22.05
C THR A 125 7.72 7.04 -22.48
N THR A 126 6.71 6.26 -22.13
CA THR A 126 6.80 4.80 -22.14
C THR A 126 5.45 4.18 -22.52
N PRO A 127 5.42 3.32 -23.57
CA PRO A 127 4.16 2.63 -23.96
C PRO A 127 3.73 1.64 -22.90
N PRO A 128 2.45 1.30 -22.89
CA PRO A 128 1.92 0.42 -21.84
C PRO A 128 2.06 -1.06 -22.16
N SER A 129 2.04 -1.88 -21.14
CA SER A 129 1.88 -3.31 -21.36
C SER A 129 0.44 -3.64 -21.03
N VAL A 130 -0.16 -4.50 -21.84
CA VAL A 130 -1.59 -4.80 -21.71
C VAL A 130 -1.81 -6.26 -21.48
N TYR A 131 -2.55 -6.58 -20.41
CA TYR A 131 -2.71 -7.97 -19.99
C TYR A 131 -4.16 -8.30 -19.78
N PRO A 132 -4.58 -9.50 -20.23
CA PRO A 132 -5.96 -9.93 -20.04
C PRO A 132 -6.25 -10.23 -18.59
N LEU A 133 -7.49 -10.09 -18.17
CA LEU A 133 -7.88 -10.58 -16.88
C LEU A 133 -9.08 -11.44 -17.01
N ALA A 134 -8.85 -12.75 -17.07
CA ALA A 134 -9.87 -13.77 -17.19
C ALA A 134 -9.91 -14.48 -15.87
N PRO A 135 -11.07 -15.04 -15.49
CA PRO A 135 -11.15 -15.73 -14.20
C PRO A 135 -10.56 -17.13 -14.27
N GLY A 136 -10.11 -17.68 -13.14
CA GLY A 136 -9.52 -19.04 -13.13
C GLY A 136 -10.40 -20.23 -12.75
N SER A 137 -11.71 -19.99 -12.64
CA SER A 137 -12.65 -20.95 -12.01
C SER A 137 -14.13 -20.74 -12.45
N SER A 143 -23.26 -17.00 -14.54
CA SER A 143 -24.44 -16.12 -14.58
C SER A 143 -24.10 -14.74 -15.24
N MET A 144 -23.27 -13.98 -14.56
CA MET A 144 -22.76 -12.72 -15.10
C MET A 144 -21.21 -12.73 -15.05
N VAL A 145 -20.57 -13.19 -16.11
CA VAL A 145 -19.11 -13.24 -16.11
C VAL A 145 -18.41 -11.86 -16.22
N THR A 146 -17.49 -11.57 -15.30
CA THR A 146 -16.71 -10.32 -15.30
C THR A 146 -15.24 -10.49 -15.75
N LEU A 147 -14.78 -9.61 -16.63
CA LEU A 147 -13.40 -9.64 -17.17
C LEU A 147 -12.68 -8.30 -17.08
N GLY A 148 -11.40 -8.27 -17.44
CA GLY A 148 -10.69 -6.99 -17.46
C GLY A 148 -9.41 -6.84 -18.27
N CYS A 149 -8.98 -5.59 -18.36
CA CYS A 149 -7.67 -5.23 -18.87
C CYS A 149 -6.89 -4.51 -17.81
N LEU A 150 -5.70 -5.03 -17.57
CA LEU A 150 -4.62 -4.36 -16.89
C LEU A 150 -3.71 -3.62 -17.87
N VAL A 151 -3.65 -2.31 -17.69
CA VAL A 151 -2.80 -1.48 -18.51
C VAL A 151 -1.74 -0.92 -17.60
N LYS A 152 -0.54 -1.50 -17.73
CA LYS A 152 0.57 -1.35 -16.78
C LYS A 152 1.79 -0.66 -17.39
N GLY A 153 2.32 0.30 -16.65
CA GLY A 153 3.64 0.89 -16.90
C GLY A 153 3.75 1.80 -18.09
N TYR A 154 2.78 2.68 -18.30
CA TYR A 154 2.88 3.70 -19.34
C TYR A 154 3.11 5.07 -18.74
N PHE A 155 3.62 5.99 -19.55
CA PHE A 155 3.60 7.44 -19.20
C PHE A 155 3.78 8.28 -20.46
N PRO A 156 3.20 9.49 -20.55
CA PRO A 156 2.38 10.18 -19.54
C PRO A 156 0.91 9.83 -19.76
N GLU A 157 0.03 10.48 -19.01
CA GLU A 157 -1.41 10.29 -19.21
C GLU A 157 -1.68 11.08 -20.50
N PRO A 158 -2.80 10.80 -21.20
CA PRO A 158 -3.82 9.82 -20.88
C PRO A 158 -3.79 8.54 -21.71
N VAL A 159 -4.55 7.57 -21.24
CA VAL A 159 -4.77 6.32 -21.95
C VAL A 159 -6.39 6.00 -22.18
N THR A 160 -6.73 5.46 -23.38
CA THR A 160 -8.14 5.23 -23.73
C THR A 160 -8.38 3.76 -23.95
N VAL A 161 -9.39 3.28 -23.25
CA VAL A 161 -9.68 1.86 -23.20
C VAL A 161 -11.09 1.63 -23.67
N THR A 162 -11.26 0.73 -24.65
CA THR A 162 -12.57 0.41 -25.19
C THR A 162 -12.77 -1.08 -25.22
N TRP A 163 -14.00 -1.50 -25.48
CA TRP A 163 -14.30 -2.91 -25.54
C TRP A 163 -15.06 -3.25 -26.81
N ASN A 164 -14.56 -4.25 -27.55
CA ASN A 164 -14.96 -4.54 -28.93
C ASN A 164 -15.12 -3.26 -29.73
N SER A 165 -14.00 -2.55 -29.85
CA SER A 165 -13.91 -1.31 -30.60
C SER A 165 -15.00 -0.34 -30.26
N GLY A 166 -15.62 -0.51 -29.10
CA GLY A 166 -16.60 0.45 -28.61
C GLY A 166 -17.97 -0.14 -28.53
N SER A 167 -18.21 -1.24 -29.22
CA SER A 167 -19.57 -1.80 -29.30
C SER A 167 -20.09 -2.23 -27.93
N LEU A 168 -19.17 -2.36 -26.99
CA LEU A 168 -19.50 -2.84 -25.67
C LEU A 168 -19.25 -1.76 -24.62
N SER A 169 -20.34 -1.23 -24.05
CA SER A 169 -20.23 -0.14 -23.10
C SER A 169 -21.01 -0.35 -21.79
N SER A 170 -22.10 -1.09 -21.84
CA SER A 170 -22.82 -1.39 -20.60
C SER A 170 -21.97 -2.34 -19.79
N GLY A 171 -21.87 -2.05 -18.49
CA GLY A 171 -21.11 -2.91 -17.59
C GLY A 171 -19.62 -2.64 -17.63
N VAL A 172 -19.21 -1.42 -17.97
CA VAL A 172 -17.79 -1.11 -18.02
C VAL A 172 -17.46 -0.12 -16.90
N HIS A 173 -16.38 -0.38 -16.17
CA HIS A 173 -15.72 0.61 -15.27
C HIS A 173 -14.27 0.66 -15.62
N THR A 174 -13.75 1.88 -15.76
CA THR A 174 -12.33 2.09 -15.95
C THR A 174 -11.80 2.94 -14.81
N PHE A 175 -10.90 2.35 -14.02
CA PHE A 175 -10.44 2.96 -12.79
C PHE A 175 -9.39 4.02 -13.04
N PRO A 176 -9.37 5.10 -12.23
CA PRO A 176 -8.31 6.09 -12.42
C PRO A 176 -6.93 5.41 -12.35
N ALA A 177 -5.96 5.91 -13.13
CA ALA A 177 -4.59 5.37 -13.14
C ALA A 177 -3.94 5.61 -11.79
N VAL A 178 -3.01 4.77 -11.39
CA VAL A 178 -2.26 5.05 -10.18
C VAL A 178 -0.82 5.22 -10.62
N LEU A 179 -0.12 6.16 -9.99
CA LEU A 179 1.27 6.46 -10.33
C LEU A 179 2.17 5.90 -9.26
N GLN A 180 2.97 4.89 -9.62
CA GLN A 180 4.03 4.37 -8.77
C GLN A 180 5.28 4.52 -9.61
N SER A 181 6.32 5.11 -9.02
CA SER A 181 7.64 5.11 -9.67
C SER A 181 7.57 5.73 -11.04
N ASP A 182 6.96 6.89 -11.10
CA ASP A 182 6.69 7.56 -12.38
C ASP A 182 6.37 6.65 -13.61
N LEU A 183 5.38 5.80 -13.40
CA LEU A 183 4.73 5.07 -14.43
C LEU A 183 3.35 4.83 -13.88
N TYR A 184 2.37 4.90 -14.78
CA TYR A 184 1.00 4.77 -14.44
C TYR A 184 0.50 3.35 -14.69
N THR A 185 -0.49 2.95 -13.90
CA THR A 185 -1.24 1.71 -14.12
C THR A 185 -2.74 1.85 -13.90
N LEU A 186 -3.52 1.37 -14.88
CA LEU A 186 -4.98 1.20 -14.67
C LEU A 186 -5.52 -0.13 -15.13
N SER A 187 -6.78 -0.32 -14.81
CA SER A 187 -7.47 -1.51 -15.19
C SER A 187 -8.87 -1.12 -15.60
N SER A 188 -9.45 -1.88 -16.51
CA SER A 188 -10.85 -1.73 -16.83
C SER A 188 -11.60 -3.03 -16.57
N SER A 189 -12.79 -2.93 -15.98
CA SER A 189 -13.68 -4.10 -15.91
C SER A 189 -14.78 -4.07 -16.98
N VAL A 190 -15.24 -5.27 -17.34
CA VAL A 190 -16.39 -5.47 -18.23
C VAL A 190 -17.21 -6.68 -17.76
N THR A 191 -18.52 -6.55 -17.88
CA THR A 191 -19.50 -7.58 -17.53
C THR A 191 -20.49 -7.76 -18.67
N VAL A 192 -20.95 -9.00 -18.75
CA VAL A 192 -21.46 -9.68 -19.91
C VAL A 192 -22.13 -10.88 -19.27
N PRO A 193 -23.22 -11.37 -19.88
CA PRO A 193 -23.78 -12.61 -19.40
C PRO A 193 -22.78 -13.71 -19.71
N SER A 194 -22.70 -14.71 -18.82
CA SER A 194 -21.77 -15.84 -18.99
C SER A 194 -22.05 -16.68 -20.24
N SER A 195 -23.29 -16.65 -20.71
CA SER A 195 -23.68 -17.40 -21.90
C SER A 195 -22.95 -16.88 -23.15
N THR A 196 -22.72 -15.57 -23.18
CA THR A 196 -22.03 -14.95 -24.31
C THR A 196 -20.52 -15.14 -24.21
N TRP A 197 -20.11 -16.08 -23.36
CA TRP A 197 -18.70 -16.39 -23.18
C TRP A 197 -18.47 -17.89 -23.25
N PRO A 198 -17.52 -18.43 -24.17
CA PRO A 198 -16.78 -17.45 -24.98
C PRO A 198 -17.35 -17.31 -26.38
N SER A 199 -18.65 -17.53 -26.53
CA SER A 199 -19.30 -17.42 -27.82
C SER A 199 -18.87 -16.13 -28.51
N GLU A 200 -18.81 -15.05 -27.74
CA GLU A 200 -18.36 -13.75 -28.25
C GLU A 200 -17.02 -13.36 -27.65
N THR A 201 -15.96 -13.47 -28.44
CA THR A 201 -14.62 -13.12 -27.98
C THR A 201 -14.51 -11.64 -27.62
N VAL A 202 -14.47 -11.35 -26.33
CA VAL A 202 -14.36 -9.98 -25.85
C VAL A 202 -12.94 -9.47 -26.02
N THR A 203 -12.79 -8.29 -26.60
CA THR A 203 -11.47 -7.69 -26.77
C THR A 203 -11.44 -6.32 -26.17
N CYS A 204 -10.49 -6.05 -25.30
CA CYS A 204 -10.28 -4.69 -24.89
C CYS A 204 -9.27 -4.02 -25.81
N ASN A 205 -9.58 -2.78 -26.20
CA ASN A 205 -8.71 -2.02 -27.07
C ASN A 205 -8.10 -0.88 -26.31
N VAL A 206 -6.78 -0.84 -26.29
CA VAL A 206 -6.05 0.25 -25.61
C VAL A 206 -5.14 1.14 -26.46
N ALA A 207 -5.35 2.45 -26.35
CA ALA A 207 -4.53 3.42 -27.06
C ALA A 207 -3.84 4.38 -26.13
N HIS A 208 -2.58 4.60 -26.42
CA HIS A 208 -1.75 5.51 -25.69
C HIS A 208 -1.12 6.48 -26.65
N PRO A 209 -1.88 7.53 -27.00
CA PRO A 209 -1.55 8.41 -28.10
C PRO A 209 -0.08 8.78 -28.06
N ALA A 210 0.39 9.13 -26.88
CA ALA A 210 1.72 9.75 -26.74
C ALA A 210 2.81 8.86 -27.30
N SER A 211 2.64 7.54 -27.21
CA SER A 211 3.69 6.67 -27.68
C SER A 211 3.32 5.95 -28.98
N SER A 212 2.28 6.44 -29.67
CA SER A 212 1.72 5.77 -30.84
C SER A 212 1.44 4.30 -30.55
N THR A 213 0.80 4.01 -29.45
CA THR A 213 0.53 2.66 -29.09
C THR A 213 -0.93 2.41 -29.30
N LYS A 214 -1.24 1.32 -29.98
CA LYS A 214 -2.59 0.75 -30.05
C LYS A 214 -2.46 -0.76 -29.84
N VAL A 215 -3.23 -1.31 -28.89
CA VAL A 215 -3.22 -2.76 -28.64
C VAL A 215 -4.64 -3.25 -28.45
N ASP A 216 -5.01 -4.23 -29.24
CA ASP A 216 -6.26 -4.90 -29.03
C ASP A 216 -5.81 -6.14 -28.26
N LYS A 217 -6.70 -6.73 -27.49
CA LYS A 217 -6.27 -7.84 -26.67
C LYS A 217 -7.41 -8.74 -26.30
N LYS A 218 -7.59 -9.81 -27.07
CA LYS A 218 -8.61 -10.82 -26.79
C LYS A 218 -8.48 -11.40 -25.38
N ILE A 219 -9.60 -11.52 -24.70
CA ILE A 219 -9.62 -12.11 -23.38
C ILE A 219 -10.06 -13.53 -23.61
N VAL A 220 -9.19 -14.48 -23.29
CA VAL A 220 -9.50 -15.90 -23.44
C VAL A 220 -9.31 -16.58 -22.08
N PRO A 221 -9.92 -17.77 -21.87
CA PRO A 221 -10.24 -18.20 -20.50
C PRO A 221 -9.24 -19.06 -19.68
N ARG A 222 -7.96 -19.11 -20.07
CA ARG A 222 -6.89 -19.73 -19.24
C ARG A 222 -6.78 -21.27 -19.32
N ASP B 1 -2.57 34.52 1.94
CA ASP B 1 -3.68 34.15 1.03
C ASP B 1 -4.86 33.73 1.87
N VAL B 2 -6.04 34.26 1.56
CA VAL B 2 -7.22 33.90 2.32
C VAL B 2 -7.50 32.41 2.13
N LEU B 3 -7.55 31.68 3.24
CA LEU B 3 -7.87 30.27 3.25
C LEU B 3 -9.36 30.13 3.07
N MET B 4 -9.78 29.39 2.05
CA MET B 4 -11.20 29.14 1.90
C MET B 4 -11.49 27.73 2.37
N THR B 5 -12.04 27.61 3.58
CA THR B 5 -12.21 26.27 4.15
C THR B 5 -13.64 25.91 4.10
N GLN B 6 -13.89 24.77 3.49
CA GLN B 6 -15.21 24.48 3.02
C GLN B 6 -15.63 23.15 3.58
N THR B 7 -14.70 22.22 3.42
CA THR B 7 -14.95 20.90 2.89
C THR B 7 -15.49 19.75 3.84
N PRO B 8 -16.81 19.79 4.21
CA PRO B 8 -17.31 18.48 4.63
C PRO B 8 -17.10 17.40 3.53
N LEU B 9 -16.52 17.83 2.39
CA LEU B 9 -16.35 17.10 1.09
C LEU B 9 -17.39 16.04 0.67
N SER B 10 -18.28 15.67 1.60
CA SER B 10 -19.56 15.03 1.27
C SER B 10 -20.68 15.63 2.10
N LEU B 11 -21.89 15.49 1.59
CA LEU B 11 -23.04 15.29 2.44
C LEU B 11 -23.83 14.27 1.65
N PRO B 12 -24.28 13.18 2.33
CA PRO B 12 -25.24 12.19 1.81
C PRO B 12 -26.66 12.72 1.82
N VAL B 13 -27.32 12.70 0.67
CA VAL B 13 -28.65 13.32 0.51
C VAL B 13 -29.49 12.65 -0.58
N SER B 14 -30.70 12.22 -0.21
CA SER B 14 -31.63 11.53 -1.13
C SER B 14 -32.29 12.51 -2.08
N LEU B 15 -32.69 12.06 -3.27
CA LEU B 15 -33.30 12.98 -4.26
C LEU B 15 -34.52 13.72 -3.71
N GLY B 16 -34.68 15.00 -4.07
CA GLY B 16 -35.83 15.78 -3.63
C GLY B 16 -35.69 16.32 -2.21
N ASP B 17 -34.47 16.37 -1.68
CA ASP B 17 -34.21 16.85 -0.30
C ASP B 17 -33.53 18.22 -0.20
N GLN B 18 -33.36 18.69 1.03
CA GLN B 18 -32.53 19.86 1.32
C GLN B 18 -31.05 19.49 1.19
N ALA B 19 -30.21 20.48 0.94
CA ALA B 19 -28.76 20.28 0.93
C ALA B 19 -28.12 21.62 1.26
N SER B 20 -27.14 21.60 2.17
CA SER B 20 -26.49 22.84 2.59
C SER B 20 -24.99 22.62 2.62
N ILE B 21 -24.29 23.15 1.62
CA ILE B 21 -22.84 23.20 1.66
C ILE B 21 -22.41 24.50 2.31
N SER B 22 -21.55 24.39 3.33
CA SER B 22 -20.99 25.55 4.00
C SER B 22 -19.59 25.86 3.47
N CYS B 23 -19.16 27.10 3.66
CA CYS B 23 -17.84 27.55 3.32
C CYS B 23 -17.48 28.60 4.32
N ARG B 24 -16.33 28.45 4.95
CA ARG B 24 -15.80 29.43 5.90
C ARG B 24 -14.55 30.07 5.32
N SER B 25 -14.45 31.39 5.41
CA SER B 25 -13.28 32.07 4.88
C SER B 25 -12.28 32.34 5.99
N SER B 26 -11.04 32.59 5.57
CA SER B 26 -9.92 32.94 6.46
C SER B 26 -10.23 34.18 7.26
N GLN B 27 -10.65 35.25 6.58
CA GLN B 27 -11.26 36.40 7.24
C GLN B 27 -12.46 36.93 6.47
N SER B 28 -13.05 38.03 6.95
CA SER B 28 -14.19 38.65 6.29
C SER B 28 -13.88 38.95 4.84
N LEU B 29 -14.82 38.61 3.98
CA LEU B 29 -14.65 38.81 2.55
C LEU B 29 -15.44 40.02 2.09
N VAL B 30 -15.74 40.92 3.02
CA VAL B 30 -16.52 42.12 2.69
C VAL B 30 -15.58 43.18 2.08
N HIS B 31 -15.82 43.49 0.81
CA HIS B 31 -14.90 44.35 0.05
C HIS B 31 -14.96 45.72 0.57
N SER B 32 -13.91 46.48 0.28
CA SER B 32 -13.81 47.87 0.71
C SER B 32 -14.99 48.70 0.19
N ASP B 33 -15.69 48.20 -0.83
CA ASP B 33 -16.90 48.86 -1.37
C ASP B 33 -18.20 48.23 -0.83
N GLY B 34 -18.10 47.54 0.30
CA GLY B 34 -19.26 46.96 0.97
C GLY B 34 -19.97 45.91 0.15
N ASN B 35 -19.23 45.25 -0.73
CA ASN B 35 -19.72 44.07 -1.44
C ASN B 35 -19.14 42.78 -0.85
N THR B 36 -19.68 41.64 -1.22
CA THR B 36 -19.09 40.35 -0.84
C THR B 36 -18.80 39.55 -2.13
N TYR B 37 -17.54 39.52 -2.51
CA TYR B 37 -17.19 38.82 -3.72
C TYR B 37 -16.91 37.34 -3.42
N LEU B 38 -17.96 36.67 -2.99
CA LEU B 38 -17.98 35.25 -2.74
C LEU B 38 -18.81 34.57 -3.83
N GLU B 39 -18.27 33.51 -4.43
CA GLU B 39 -18.91 32.87 -5.58
C GLU B 39 -19.03 31.36 -5.36
N TRP B 40 -20.00 30.76 -6.04
CA TRP B 40 -20.23 29.32 -5.98
C TRP B 40 -20.22 28.68 -7.33
N TYR B 41 -19.47 27.60 -7.46
CA TYR B 41 -19.30 26.91 -8.73
C TYR B 41 -19.61 25.43 -8.57
N LEU B 42 -20.17 24.83 -9.61
CA LEU B 42 -20.38 23.40 -9.60
C LEU B 42 -19.57 22.76 -10.75
N GLN B 43 -18.74 21.79 -10.39
CA GLN B 43 -18.10 20.99 -11.39
C GLN B 43 -18.74 19.63 -11.52
N LYS B 44 -19.52 19.42 -12.58
CA LYS B 44 -20.10 18.10 -12.86
C LYS B 44 -19.00 17.20 -13.42
N PRO B 45 -19.11 15.87 -13.20
CA PRO B 45 -18.06 14.96 -13.59
C PRO B 45 -17.63 15.17 -15.03
N GLY B 46 -16.32 15.30 -15.23
CA GLY B 46 -15.75 15.38 -16.56
C GLY B 46 -16.04 16.69 -17.23
N GLN B 47 -16.28 17.73 -16.43
CA GLN B 47 -16.55 19.05 -16.93
C GLN B 47 -15.77 20.12 -16.22
N SER B 48 -15.73 21.31 -16.81
CA SER B 48 -15.31 22.51 -16.12
C SER B 48 -16.39 22.90 -15.12
N PRO B 49 -16.02 23.78 -14.17
CA PRO B 49 -16.99 24.30 -13.25
C PRO B 49 -17.95 25.24 -13.96
N ASN B 50 -19.11 25.41 -13.34
CA ASN B 50 -20.16 26.25 -13.83
C ASN B 50 -20.46 27.23 -12.75
N LEU B 51 -20.73 28.46 -13.15
CA LEU B 51 -21.07 29.49 -12.20
C LEU B 51 -22.48 29.26 -11.67
N LEU B 52 -22.63 29.32 -10.36
CA LEU B 52 -23.95 29.25 -9.74
C LEU B 52 -24.37 30.60 -9.16
N ILE B 53 -23.62 31.07 -8.15
CA ILE B 53 -23.92 32.32 -7.42
C ILE B 53 -22.69 33.21 -7.55
N TYR B 54 -22.89 34.52 -7.74
CA TYR B 54 -21.79 35.50 -7.60
C TYR B 54 -22.26 36.50 -6.52
N LYS B 55 -21.32 37.33 -6.07
CA LYS B 55 -21.62 38.38 -5.13
C LYS B 55 -22.47 37.89 -3.98
N LEU B 56 -22.06 36.80 -3.38
CA LEU B 56 -22.72 36.25 -2.20
C LEU B 56 -24.12 35.70 -2.51
N SER B 57 -25.08 36.59 -2.71
CA SER B 57 -26.46 36.18 -2.91
C SER B 57 -27.02 36.55 -4.29
N ASN B 58 -26.29 36.21 -5.35
CA ASN B 58 -26.80 36.42 -6.70
C ASN B 58 -26.70 35.27 -7.70
N ARG B 59 -27.86 34.67 -7.98
CA ARG B 59 -28.01 33.55 -8.91
C ARG B 59 -27.76 33.98 -10.33
N PHE B 60 -26.94 33.23 -11.04
CA PHE B 60 -26.57 33.59 -12.40
C PHE B 60 -27.66 33.19 -13.38
N SER B 61 -27.61 33.82 -14.54
CA SER B 61 -28.47 33.50 -15.65
C SER B 61 -28.65 31.99 -15.84
N GLY B 62 -29.90 31.58 -15.92
CA GLY B 62 -30.22 30.20 -16.29
C GLY B 62 -30.05 29.25 -15.12
N VAL B 63 -29.22 29.64 -14.15
CA VAL B 63 -29.00 28.83 -12.95
C VAL B 63 -30.31 28.72 -12.18
N PRO B 64 -30.88 27.51 -12.12
CA PRO B 64 -32.17 27.14 -11.65
C PRO B 64 -32.96 28.04 -10.70
N ASP B 65 -32.94 27.76 -9.41
CA ASP B 65 -34.16 28.06 -8.68
C ASP B 65 -33.91 27.74 -7.28
N ARG B 66 -33.42 26.51 -7.13
CA ARG B 66 -33.35 25.82 -5.87
C ARG B 66 -32.00 26.11 -5.31
N PHE B 67 -31.19 26.74 -6.16
CA PHE B 67 -29.92 27.28 -5.79
C PHE B 67 -30.07 28.65 -5.15
N SER B 68 -29.40 28.84 -4.02
CA SER B 68 -29.54 30.06 -3.25
C SER B 68 -28.27 30.26 -2.45
N GLY B 69 -27.67 31.44 -2.60
CA GLY B 69 -26.53 31.85 -1.76
C GLY B 69 -26.92 32.67 -0.54
N SER B 70 -26.68 32.11 0.64
CA SER B 70 -26.83 32.86 1.88
C SER B 70 -25.49 32.95 2.63
N GLY B 71 -25.46 33.76 3.70
CA GLY B 71 -24.25 33.95 4.50
C GLY B 71 -23.84 35.41 4.67
N SER B 72 -22.84 35.65 5.52
CA SER B 72 -22.14 36.94 5.51
C SER B 72 -20.84 36.96 6.32
N GLY B 73 -19.92 37.81 5.89
CA GLY B 73 -18.69 38.02 6.61
C GLY B 73 -17.71 36.91 6.32
N THR B 74 -17.73 35.88 7.17
CA THR B 74 -16.78 34.80 7.08
C THR B 74 -17.45 33.49 6.74
N ASP B 75 -18.72 33.35 7.12
CA ASP B 75 -19.46 32.10 6.86
C ASP B 75 -20.49 32.21 5.77
N PHE B 76 -20.52 31.18 4.94
CA PHE B 76 -21.37 31.19 3.78
C PHE B 76 -22.06 29.84 3.68
N THR B 77 -23.22 29.86 3.04
CA THR B 77 -23.98 28.66 2.79
C THR B 77 -24.60 28.75 1.42
N LEU B 78 -24.23 27.79 0.56
CA LEU B 78 -25.02 27.47 -0.61
C LEU B 78 -26.05 26.45 -0.17
N LYS B 79 -27.29 26.63 -0.64
CA LYS B 79 -28.40 25.81 -0.16
C LYS B 79 -29.26 25.37 -1.34
N ILE B 80 -29.28 24.07 -1.56
CA ILE B 80 -30.05 23.45 -2.62
C ILE B 80 -31.25 22.80 -1.99
N SER B 81 -32.43 23.35 -2.28
CA SER B 81 -33.68 22.68 -1.99
C SER B 81 -33.95 21.75 -3.17
N ARG B 82 -34.75 20.72 -2.95
CA ARG B 82 -35.09 19.75 -3.99
C ARG B 82 -33.99 18.70 -4.21
N VAL B 83 -32.98 19.03 -5.01
CA VAL B 83 -31.90 18.05 -5.33
C VAL B 83 -32.28 17.07 -6.45
N GLU B 84 -31.79 17.37 -7.64
CA GLU B 84 -32.07 16.56 -8.80
C GLU B 84 -30.81 15.80 -9.16
N ALA B 85 -30.97 14.79 -10.02
CA ALA B 85 -29.86 14.03 -10.59
C ALA B 85 -28.80 14.95 -11.18
N GLU B 86 -29.24 16.03 -11.81
CA GLU B 86 -28.38 17.00 -12.49
C GLU B 86 -27.46 17.81 -11.58
N ASP B 87 -27.73 17.76 -10.28
CA ASP B 87 -26.96 18.52 -9.31
C ASP B 87 -25.67 17.86 -8.84
N LEU B 88 -25.49 16.59 -9.24
CA LEU B 88 -24.26 15.83 -8.92
C LEU B 88 -22.98 16.48 -9.44
N GLY B 89 -21.96 16.51 -8.58
CA GLY B 89 -20.70 17.18 -8.91
C GLY B 89 -20.09 17.77 -7.67
N VAL B 90 -19.06 18.61 -7.83
CA VAL B 90 -18.31 19.19 -6.72
C VAL B 90 -18.51 20.70 -6.67
N TYR B 91 -18.86 21.19 -5.50
CA TYR B 91 -19.19 22.60 -5.33
C TYR B 91 -18.00 23.28 -4.74
N TYR B 92 -17.63 24.41 -5.33
CA TYR B 92 -16.55 25.17 -4.77
C TYR B 92 -17.04 26.52 -4.35
N CYS B 93 -16.57 26.99 -3.20
CA CYS B 93 -16.75 28.40 -2.88
C CYS B 93 -15.49 29.13 -3.40
N PHE B 94 -15.57 30.44 -3.53
CA PHE B 94 -14.49 31.20 -4.13
C PHE B 94 -14.48 32.63 -3.60
N GLN B 95 -13.28 33.17 -3.34
CA GLN B 95 -13.15 34.50 -2.77
C GLN B 95 -12.37 35.42 -3.70
N GLY B 96 -12.97 36.58 -3.94
CA GLY B 96 -12.40 37.60 -4.84
C GLY B 96 -11.96 38.85 -4.12
N SER B 97 -12.47 39.01 -2.89
CA SER B 97 -12.12 40.13 -2.02
C SER B 97 -10.62 40.28 -1.79
N HIS B 98 -9.92 39.21 -1.44
CA HIS B 98 -8.54 39.30 -1.00
C HIS B 98 -7.56 38.85 -2.03
N VAL B 99 -6.47 39.59 -2.12
CA VAL B 99 -5.71 39.72 -3.35
C VAL B 99 -4.97 38.52 -3.94
N PRO B 100 -4.66 37.48 -3.15
CA PRO B 100 -4.54 36.26 -3.96
C PRO B 100 -5.92 35.53 -3.90
N PRO B 101 -6.72 35.60 -4.99
CA PRO B 101 -8.05 34.98 -4.98
C PRO B 101 -7.99 33.47 -4.79
N THR B 102 -8.89 32.92 -3.98
CA THR B 102 -8.71 31.55 -3.54
C THR B 102 -9.97 30.73 -3.61
N PHE B 103 -9.82 29.43 -3.81
CA PHE B 103 -10.93 28.53 -3.89
C PHE B 103 -11.05 27.71 -2.63
N GLY B 104 -12.20 27.08 -2.42
CA GLY B 104 -12.33 26.05 -1.42
C GLY B 104 -11.81 24.76 -2.04
N GLY B 105 -11.77 23.70 -1.24
CA GLY B 105 -11.29 22.41 -1.72
C GLY B 105 -12.42 21.63 -2.36
N GLY B 106 -13.62 22.17 -2.26
CA GLY B 106 -14.75 21.55 -2.90
C GLY B 106 -15.46 20.59 -1.98
N THR B 107 -16.78 20.57 -2.10
CA THR B 107 -17.59 19.55 -1.47
C THR B 107 -18.24 18.79 -2.62
N LYS B 108 -18.04 17.48 -2.61
CA LYS B 108 -18.78 16.58 -3.48
C LYS B 108 -20.23 16.40 -2.94
N LEU B 109 -21.21 16.51 -3.83
CA LEU B 109 -22.59 16.27 -3.47
C LEU B 109 -22.85 14.82 -3.76
N GLU B 110 -22.89 14.02 -2.72
CA GLU B 110 -23.18 12.61 -2.87
C GLU B 110 -24.70 12.35 -2.87
N ILE B 111 -25.18 11.60 -3.86
CA ILE B 111 -26.60 11.27 -4.01
C ILE B 111 -26.91 9.94 -3.30
N LYS B 112 -27.86 9.99 -2.37
CA LYS B 112 -28.32 8.78 -1.74
C LYS B 112 -29.10 7.88 -2.69
N ARG B 113 -29.02 6.59 -2.44
CA ARG B 113 -29.66 5.56 -3.25
C ARG B 113 -29.67 4.26 -2.49
N ALA B 114 -30.44 3.27 -2.91
CA ALA B 114 -30.60 2.05 -2.14
C ALA B 114 -29.24 1.37 -1.99
N ASP B 115 -29.02 0.76 -0.83
CA ASP B 115 -27.76 0.07 -0.54
C ASP B 115 -27.56 -1.08 -1.50
N ALA B 116 -26.34 -1.19 -2.00
CA ALA B 116 -25.99 -2.30 -2.87
C ALA B 116 -24.69 -2.91 -2.43
N ALA B 117 -24.73 -4.23 -2.32
CA ALA B 117 -23.60 -5.03 -1.97
C ALA B 117 -22.67 -5.07 -3.18
N PRO B 118 -21.35 -5.06 -2.93
CA PRO B 118 -20.35 -5.08 -4.01
C PRO B 118 -20.32 -6.41 -4.70
N THR B 119 -19.93 -6.39 -5.98
CA THR B 119 -19.63 -7.61 -6.72
C THR B 119 -18.12 -7.74 -6.86
N VAL B 120 -17.58 -8.70 -6.11
CA VAL B 120 -16.15 -8.97 -6.01
C VAL B 120 -15.63 -9.99 -7.05
N SER B 121 -14.67 -9.56 -7.85
CA SER B 121 -14.01 -10.45 -8.78
C SER B 121 -12.51 -10.45 -8.51
N ILE B 122 -11.89 -11.62 -8.51
CA ILE B 122 -10.47 -11.72 -8.23
C ILE B 122 -9.84 -12.35 -9.44
N PHE B 123 -8.66 -11.85 -9.85
CA PHE B 123 -7.97 -12.34 -11.05
C PHE B 123 -6.50 -12.62 -10.85
N PRO B 124 -6.08 -13.89 -11.07
CA PRO B 124 -4.67 -14.25 -11.04
C PRO B 124 -3.90 -13.54 -12.16
N PRO B 125 -2.58 -13.53 -12.08
CA PRO B 125 -1.86 -12.76 -13.09
C PRO B 125 -1.97 -13.39 -14.45
N SER B 126 -1.81 -12.59 -15.49
CA SER B 126 -1.77 -13.13 -16.81
C SER B 126 -0.48 -13.92 -16.98
N SER B 127 -0.53 -14.92 -17.83
CA SER B 127 0.65 -15.70 -18.11
C SER B 127 1.67 -14.87 -18.89
N GLU B 128 1.17 -13.94 -19.70
CA GLU B 128 2.03 -13.00 -20.44
C GLU B 128 2.85 -12.15 -19.49
N GLN B 129 2.21 -11.69 -18.43
CA GLN B 129 2.85 -10.89 -17.40
C GLN B 129 3.87 -11.70 -16.64
N LEU B 130 3.53 -12.97 -16.37
CA LEU B 130 4.46 -13.85 -15.70
C LEU B 130 5.73 -14.03 -16.52
N THR B 131 5.62 -14.05 -17.84
CA THR B 131 6.78 -14.21 -18.70
C THR B 131 7.70 -13.01 -18.61
N SER B 132 7.11 -11.85 -18.41
CA SER B 132 7.88 -10.63 -18.29
C SER B 132 8.54 -10.52 -16.96
N GLY B 133 8.03 -11.23 -15.95
CA GLY B 133 8.72 -11.34 -14.67
C GLY B 133 7.97 -10.73 -13.50
N GLY B 134 6.80 -10.17 -13.79
CA GLY B 134 5.92 -9.67 -12.75
C GLY B 134 4.69 -10.54 -12.59
N ALA B 135 3.89 -10.20 -11.60
CA ALA B 135 2.63 -10.89 -11.36
C ALA B 135 1.73 -9.96 -10.56
N SER B 136 0.65 -9.50 -11.19
CA SER B 136 -0.28 -8.61 -10.55
C SER B 136 -1.59 -9.32 -10.24
N VAL B 137 -1.95 -9.33 -8.96
CA VAL B 137 -3.22 -9.91 -8.57
C VAL B 137 -4.22 -8.77 -8.43
N VAL B 138 -5.30 -8.87 -9.20
CA VAL B 138 -6.30 -7.81 -9.30
C VAL B 138 -7.65 -8.20 -8.69
N CYS B 139 -8.22 -7.26 -7.96
CA CYS B 139 -9.48 -7.47 -7.33
C CYS B 139 -10.44 -6.34 -7.61
N PHE B 140 -11.53 -6.65 -8.31
CA PHE B 140 -12.59 -5.68 -8.57
C PHE B 140 -13.68 -5.79 -7.58
N LEU B 141 -14.10 -4.65 -7.04
CA LEU B 141 -15.26 -4.58 -6.14
C LEU B 141 -16.26 -3.57 -6.68
N ASN B 142 -17.35 -4.07 -7.26
CA ASN B 142 -18.14 -3.27 -8.16
C ASN B 142 -19.58 -2.98 -7.74
N ASN B 143 -20.00 -1.75 -8.06
CA ASN B 143 -21.40 -1.32 -7.95
C ASN B 143 -22.01 -1.50 -6.56
N PHE B 144 -21.39 -0.84 -5.59
CA PHE B 144 -21.81 -0.92 -4.21
C PHE B 144 -22.17 0.46 -3.72
N TYR B 145 -23.03 0.52 -2.72
CA TYR B 145 -23.37 1.76 -2.05
C TYR B 145 -23.80 1.45 -0.61
N PRO B 146 -23.34 2.24 0.39
CA PRO B 146 -22.51 3.46 0.39
C PRO B 146 -21.04 3.32 0.03
N LYS B 147 -20.35 4.46 -0.03
CA LYS B 147 -18.93 4.55 -0.39
C LYS B 147 -18.01 3.81 0.57
N ASP B 148 -18.41 3.72 1.84
CA ASP B 148 -17.59 3.13 2.89
C ASP B 148 -17.37 1.65 2.74
N ILE B 149 -16.13 1.29 2.39
CA ILE B 149 -15.74 -0.12 2.19
C ILE B 149 -14.32 -0.38 2.63
N ASN B 150 -14.12 -1.56 3.21
CA ASN B 150 -12.81 -2.10 3.58
C ASN B 150 -12.42 -3.25 2.66
N VAL B 151 -11.27 -3.11 2.02
CA VAL B 151 -10.67 -4.22 1.28
C VAL B 151 -9.49 -4.75 2.06
N LYS B 152 -9.30 -6.06 2.01
CA LYS B 152 -8.25 -6.71 2.75
C LYS B 152 -7.76 -7.92 1.97
N TRP B 153 -6.43 -7.98 1.79
CA TRP B 153 -5.80 -9.08 1.07
C TRP B 153 -5.28 -10.07 2.07
N LYS B 154 -5.19 -11.33 1.65
CA LYS B 154 -4.65 -12.40 2.48
C LYS B 154 -3.85 -13.39 1.62
N ILE B 155 -2.62 -13.68 1.99
CA ILE B 155 -1.82 -14.63 1.26
C ILE B 155 -1.51 -15.81 2.16
N ASP B 156 -2.01 -16.96 1.75
CA ASP B 156 -1.97 -18.17 2.59
C ASP B 156 -2.49 -17.83 3.99
N GLY B 157 -3.72 -17.32 4.05
CA GLY B 157 -4.39 -17.02 5.30
C GLY B 157 -3.82 -15.86 6.10
N SER B 158 -2.89 -15.13 5.50
CA SER B 158 -2.16 -14.09 6.22
C SER B 158 -2.30 -12.70 5.62
N GLU B 159 -2.70 -11.73 6.43
CA GLU B 159 -2.95 -10.37 5.95
C GLU B 159 -1.71 -9.69 5.39
N ARG B 160 -1.91 -8.74 4.49
CA ARG B 160 -0.83 -8.14 3.78
C ARG B 160 -1.30 -6.76 3.39
N GLN B 161 -0.52 -5.73 3.67
CA GLN B 161 -0.82 -4.40 3.11
C GLN B 161 0.21 -3.91 2.11
N ASN B 162 1.49 -4.19 2.34
CA ASN B 162 2.50 -3.60 1.50
C ASN B 162 2.34 -4.01 0.05
N GLY B 163 2.43 -3.05 -0.86
CA GLY B 163 2.46 -3.40 -2.28
C GLY B 163 1.08 -3.53 -2.86
N VAL B 164 0.08 -3.12 -2.05
CA VAL B 164 -1.30 -2.97 -2.50
C VAL B 164 -1.58 -1.57 -3.04
N LEU B 165 -2.08 -1.52 -4.28
CA LEU B 165 -2.59 -0.29 -4.90
C LEU B 165 -4.14 -0.28 -5.05
N ASN B 166 -4.77 0.84 -4.71
CA ASN B 166 -6.22 0.97 -4.84
C ASN B 166 -6.65 2.10 -5.76
N SER B 167 -7.78 1.91 -6.44
CA SER B 167 -8.32 2.95 -7.27
C SER B 167 -9.80 2.94 -7.07
N TRP B 168 -10.35 4.12 -6.87
CA TRP B 168 -11.81 4.29 -6.73
C TRP B 168 -12.41 5.15 -7.82
N THR B 169 -13.59 4.75 -8.31
CA THR B 169 -14.34 5.57 -9.23
C THR B 169 -15.04 6.65 -8.43
N ASP B 170 -15.36 7.75 -9.09
CA ASP B 170 -16.32 8.69 -8.54
C ASP B 170 -17.68 8.03 -8.61
N GLN B 171 -18.61 8.50 -7.80
CA GLN B 171 -19.99 8.05 -7.92
C GLN B 171 -20.36 7.93 -9.40
N ASP B 172 -20.91 6.77 -9.79
CA ASP B 172 -21.38 6.56 -11.14
C ASP B 172 -22.55 7.53 -11.35
N SER B 173 -22.51 8.28 -12.45
CA SER B 173 -23.51 9.30 -12.69
C SER B 173 -24.85 8.73 -13.13
N LYS B 174 -24.87 7.49 -13.60
CA LYS B 174 -26.13 6.87 -13.94
C LYS B 174 -26.85 6.15 -12.78
N ASP B 175 -26.19 5.20 -12.12
CA ASP B 175 -26.86 4.43 -11.07
C ASP B 175 -26.39 4.80 -9.65
N SER B 176 -25.61 5.87 -9.59
CA SER B 176 -25.00 6.34 -8.35
C SER B 176 -24.47 5.24 -7.42
N THR B 177 -23.74 4.31 -7.99
CA THR B 177 -23.03 3.36 -7.14
C THR B 177 -21.54 3.64 -7.24
N TYR B 178 -20.77 2.99 -6.39
CA TYR B 178 -19.31 3.12 -6.39
C TYR B 178 -18.66 1.82 -6.79
N SER B 179 -17.42 1.92 -7.21
CA SER B 179 -16.64 0.76 -7.61
C SER B 179 -15.17 0.95 -7.32
N MET B 180 -14.45 -0.15 -7.25
CA MET B 180 -13.08 -0.07 -6.82
C MET B 180 -12.23 -1.25 -7.26
N SER B 181 -11.01 -0.92 -7.69
CA SER B 181 -10.04 -1.95 -8.02
C SER B 181 -8.95 -1.93 -6.99
N SER B 182 -8.38 -3.10 -6.76
CA SER B 182 -7.29 -3.26 -5.81
C SER B 182 -6.30 -4.23 -6.41
N THR B 183 -5.03 -3.85 -6.39
CA THR B 183 -4.01 -4.67 -6.99
C THR B 183 -2.92 -4.96 -5.98
N LEU B 184 -2.60 -6.25 -5.84
CA LEU B 184 -1.34 -6.66 -5.24
C LEU B 184 -0.32 -6.94 -6.34
N THR B 185 0.80 -6.24 -6.32
CA THR B 185 1.79 -6.48 -7.38
C THR B 185 3.06 -7.10 -6.84
N LEU B 186 3.51 -8.17 -7.50
CA LEU B 186 4.61 -8.97 -7.01
C LEU B 186 5.50 -9.36 -8.17
N THR B 187 6.73 -9.76 -7.87
CA THR B 187 7.55 -10.36 -8.90
C THR B 187 7.08 -11.79 -9.07
N LYS B 188 7.32 -12.37 -10.24
CA LYS B 188 6.94 -13.76 -10.50
C LYS B 188 7.39 -14.63 -9.34
N ASP B 189 8.68 -14.54 -9.03
CA ASP B 189 9.28 -15.35 -7.98
C ASP B 189 8.48 -15.16 -6.71
N GLU B 190 8.33 -13.91 -6.32
CA GLU B 190 7.66 -13.56 -5.08
C GLU B 190 6.27 -14.19 -5.01
N TYR B 191 5.53 -14.00 -6.09
CA TYR B 191 4.18 -14.51 -6.26
C TYR B 191 4.17 -16.03 -6.09
N GLU B 192 5.12 -16.71 -6.72
CA GLU B 192 5.11 -18.15 -6.73
C GLU B 192 5.51 -18.77 -5.40
N ARG B 193 5.87 -17.96 -4.41
CA ARG B 193 6.18 -18.51 -3.09
C ARG B 193 4.94 -19.02 -2.39
N HIS B 194 3.83 -18.34 -2.60
CA HIS B 194 2.62 -18.62 -1.84
C HIS B 194 1.61 -19.28 -2.72
N ASN B 195 0.66 -20.01 -2.12
CA ASN B 195 -0.26 -20.80 -2.92
C ASN B 195 -1.60 -20.12 -3.16
N SER B 196 -2.30 -19.81 -2.06
CA SER B 196 -3.64 -19.23 -2.13
C SER B 196 -3.65 -17.69 -1.92
N TYR B 197 -4.43 -17.04 -2.76
CA TYR B 197 -4.57 -15.62 -2.67
C TYR B 197 -6.04 -15.26 -2.44
N THR B 198 -6.28 -14.31 -1.53
CA THR B 198 -7.63 -13.96 -1.11
C THR B 198 -7.83 -12.46 -1.14
N CYS B 199 -9.08 -12.08 -1.39
CA CYS B 199 -9.49 -10.71 -1.47
C CYS B 199 -10.83 -10.60 -0.74
N GLU B 200 -10.87 -9.89 0.38
CA GLU B 200 -12.09 -9.90 1.17
C GLU B 200 -12.60 -8.52 1.55
N ALA B 201 -13.88 -8.34 1.29
CA ALA B 201 -14.48 -7.04 1.38
C ALA B 201 -15.43 -6.95 2.56
N THR B 202 -15.39 -5.81 3.24
CA THR B 202 -16.34 -5.57 4.33
C THR B 202 -17.15 -4.30 4.04
N HIS B 203 -18.45 -4.50 3.86
CA HIS B 203 -19.35 -3.42 3.45
C HIS B 203 -20.55 -3.50 4.31
N LYS B 204 -21.20 -2.36 4.55
CA LYS B 204 -22.32 -2.31 5.51
C LYS B 204 -23.49 -3.21 5.14
N THR B 205 -23.55 -3.63 3.87
CA THR B 205 -24.57 -4.56 3.36
C THR B 205 -24.50 -5.99 3.92
N SER B 206 -23.44 -6.30 4.67
CA SER B 206 -23.19 -7.64 5.18
C SER B 206 -22.41 -7.60 6.50
N THR B 207 -22.84 -8.38 7.50
CA THR B 207 -22.09 -8.40 8.79
C THR B 207 -20.82 -9.25 8.72
N SER B 208 -20.82 -10.25 7.83
CA SER B 208 -19.61 -11.01 7.52
C SER B 208 -19.07 -10.69 6.11
N PRO B 209 -17.76 -10.82 5.92
CA PRO B 209 -17.14 -10.27 4.72
C PRO B 209 -17.46 -11.08 3.46
N ILE B 210 -17.22 -10.48 2.29
CA ILE B 210 -17.36 -11.17 1.01
C ILE B 210 -15.99 -11.61 0.51
N VAL B 211 -15.85 -12.91 0.29
CA VAL B 211 -14.55 -13.51 0.10
C VAL B 211 -14.39 -14.14 -1.28
N LYS B 212 -13.34 -13.76 -1.98
CA LYS B 212 -13.00 -14.40 -3.24
C LYS B 212 -11.51 -14.72 -3.26
N SER B 213 -11.15 -15.89 -3.79
CA SER B 213 -9.76 -16.40 -3.75
C SER B 213 -9.41 -17.39 -4.86
N PHE B 214 -8.34 -18.14 -4.68
CA PHE B 214 -7.87 -19.13 -5.67
C PHE B 214 -6.50 -19.72 -5.34
N ASN B 215 -6.08 -20.72 -6.10
CA ASN B 215 -4.78 -21.36 -5.91
C ASN B 215 -3.92 -21.35 -7.19
N ARG B 216 -2.61 -21.41 -7.05
CA ARG B 216 -1.79 -21.76 -8.20
C ARG B 216 -1.74 -23.29 -8.45
N ASN B 217 -2.22 -23.68 -9.63
CA ASN B 217 -2.20 -25.07 -10.11
C ASN B 217 -2.50 -25.14 -11.62
N ASN C 1 -14.13 50.67 -22.13
CA ASN C 1 -13.65 49.27 -22.45
C ASN C 1 -12.64 48.69 -21.45
N GLU C 2 -12.23 49.51 -20.49
CA GLU C 2 -11.55 49.08 -19.31
C GLU C 2 -12.50 49.42 -18.19
N SER C 3 -13.78 49.52 -18.54
CA SER C 3 -14.79 50.03 -17.62
C SER C 3 -15.86 49.01 -17.28
N LEU C 4 -15.74 47.81 -17.85
CA LEU C 4 -16.75 46.76 -17.67
C LEU C 4 -16.54 45.99 -16.38
N ASN C 5 -15.30 45.87 -15.96
CA ASN C 5 -15.01 45.33 -14.64
C ASN C 5 -14.63 46.40 -13.62
N THR C 6 -15.65 46.98 -13.01
CA THR C 6 -15.56 47.69 -11.73
C THR C 6 -15.80 46.49 -10.84
N GLY C 7 -15.83 46.61 -9.52
CA GLY C 7 -15.95 45.35 -8.71
C GLY C 7 -14.66 44.54 -8.67
N TRP C 8 -14.65 43.38 -8.04
CA TRP C 8 -13.36 42.76 -7.64
C TRP C 8 -12.21 42.58 -8.63
N LEU C 9 -12.49 42.33 -9.90
CA LEU C 9 -11.43 42.18 -10.89
C LEU C 9 -10.52 43.39 -10.97
N ALA C 10 -11.12 44.59 -10.89
CA ALA C 10 -10.38 45.87 -10.96
C ALA C 10 -9.22 45.86 -9.98
N GLY C 11 -9.48 45.25 -8.81
CA GLY C 11 -8.49 44.96 -7.78
C GLY C 11 -7.23 44.28 -8.25
N LEU C 12 -7.32 43.49 -9.31
CA LEU C 12 -6.15 42.74 -9.76
C LEU C 12 -5.14 43.60 -10.51
N PHE C 13 -5.49 44.85 -10.79
CA PHE C 13 -4.58 45.69 -11.53
C PHE C 13 -4.33 47.00 -10.79
N GLU D 1 27.34 -32.03 24.36
CA GLU D 1 25.97 -32.54 24.18
C GLU D 1 25.64 -32.81 22.70
N VAL D 2 24.39 -33.21 22.46
CA VAL D 2 23.88 -33.50 21.14
C VAL D 2 23.91 -32.20 20.38
N MET D 3 24.40 -32.27 19.15
CA MET D 3 24.45 -31.11 18.27
C MET D 3 24.36 -31.53 16.83
N LEU D 4 23.56 -30.77 16.09
CA LEU D 4 23.35 -30.97 14.67
C LEU D 4 23.64 -29.63 14.07
N VAL D 5 24.43 -29.66 13.01
CA VAL D 5 24.81 -28.45 12.32
C VAL D 5 24.55 -28.61 10.83
N GLU D 6 23.53 -27.90 10.33
CA GLU D 6 23.19 -27.85 8.91
C GLU D 6 24.13 -26.88 8.26
N SER D 7 24.36 -27.08 6.97
CA SER D 7 25.24 -26.25 6.19
C SER D 7 24.85 -26.48 4.75
N GLY D 8 25.34 -25.63 3.85
CA GLY D 8 25.05 -25.78 2.43
C GLY D 8 24.02 -24.85 1.82
N GLY D 9 23.20 -24.20 2.67
CA GLY D 9 22.29 -23.14 2.21
C GLY D 9 22.96 -22.09 1.31
N ASP D 10 22.16 -21.36 0.54
CA ASP D 10 22.67 -20.50 -0.51
C ASP D 10 21.49 -19.94 -1.30
N LEU D 11 21.83 -19.05 -2.23
CA LEU D 11 20.88 -18.46 -3.13
C LEU D 11 21.02 -19.19 -4.44
N VAL D 12 19.91 -19.72 -4.97
CA VAL D 12 19.91 -20.34 -6.30
C VAL D 12 18.71 -19.96 -7.15
N LYS D 13 18.94 -19.91 -8.46
CA LYS D 13 17.90 -19.61 -9.43
C LYS D 13 16.82 -20.70 -9.41
N PRO D 14 15.59 -20.36 -9.82
CA PRO D 14 14.53 -21.36 -9.81
C PRO D 14 14.85 -22.45 -10.80
N GLY D 15 14.51 -23.69 -10.46
CA GLY D 15 14.77 -24.85 -11.30
C GLY D 15 16.17 -25.36 -11.05
N GLY D 16 16.92 -24.61 -10.24
CA GLY D 16 18.27 -24.99 -9.83
C GLY D 16 18.36 -26.24 -8.97
N SER D 17 19.53 -26.40 -8.33
CA SER D 17 19.85 -27.57 -7.52
C SER D 17 20.82 -27.23 -6.43
N LEU D 18 20.67 -27.91 -5.29
CA LEU D 18 21.76 -27.97 -4.29
C LEU D 18 21.56 -28.95 -3.12
N LYS D 19 22.68 -29.35 -2.52
CA LYS D 19 22.67 -30.33 -1.44
C LYS D 19 23.03 -29.72 -0.11
N LEU D 20 22.19 -29.98 0.87
CA LEU D 20 22.45 -29.60 2.26
C LEU D 20 23.07 -30.78 2.98
N PRO D 21 24.23 -30.60 3.66
CA PRO D 21 24.55 -31.53 4.77
C PRO D 21 24.11 -31.04 6.17
N CYS D 22 24.07 -31.97 7.11
CA CYS D 22 23.72 -31.68 8.50
C CYS D 22 24.56 -32.63 9.34
N ALA D 23 25.61 -32.11 9.99
CA ALA D 23 26.57 -32.92 10.73
C ALA D 23 26.15 -33.15 12.20
N ALA D 24 26.15 -34.41 12.61
CA ALA D 24 25.78 -34.73 13.96
C ALA D 24 27.05 -34.87 14.78
N SER D 25 27.03 -34.34 16.00
CA SER D 25 28.03 -34.68 16.99
C SER D 25 27.37 -34.92 18.38
N GLY D 26 27.88 -35.89 19.14
CA GLY D 26 27.30 -36.22 20.43
C GLY D 26 26.37 -37.42 20.42
N PHE D 27 25.96 -37.83 19.22
CA PHE D 27 25.21 -39.05 19.03
C PHE D 27 25.60 -39.66 17.67
N THR D 28 25.26 -40.92 17.47
CA THR D 28 25.40 -41.54 16.18
C THR D 28 24.09 -41.44 15.37
N VAL D 29 24.24 -40.97 14.14
CA VAL D 29 23.17 -40.81 13.19
C VAL D 29 22.49 -42.16 12.88
N SER D 30 23.28 -43.24 12.94
CA SER D 30 22.88 -44.56 12.47
C SER D 30 21.87 -45.29 13.40
N THR D 31 21.50 -44.62 14.48
CA THR D 31 20.64 -45.26 15.45
C THR D 31 19.37 -44.44 15.69
N TYR D 32 19.18 -43.41 14.87
CA TYR D 32 18.07 -42.49 15.06
C TYR D 32 17.29 -42.20 13.77
N ALA D 33 15.98 -42.06 13.93
CA ALA D 33 15.15 -41.51 12.85
C ALA D 33 15.46 -40.02 12.67
N MET D 34 15.47 -39.56 11.43
CA MET D 34 15.89 -38.19 11.18
C MET D 34 15.17 -37.48 10.04
N SER D 35 14.73 -36.26 10.31
CA SER D 35 13.95 -35.49 9.35
C SER D 35 14.60 -34.18 9.02
N TRP D 36 14.18 -33.64 7.88
CA TRP D 36 14.37 -32.22 7.55
C TRP D 36 13.05 -31.52 7.71
N ILE D 37 13.07 -30.34 8.33
CA ILE D 37 11.87 -29.53 8.40
C ILE D 37 12.21 -28.10 8.02
N ARG D 38 11.33 -27.41 7.30
CA ARG D 38 11.66 -26.04 6.88
C ARG D 38 10.77 -24.99 7.53
N GLN D 39 11.26 -23.76 7.63
CA GLN D 39 10.46 -22.66 8.14
C GLN D 39 10.58 -21.44 7.20
N THR D 40 9.45 -21.04 6.64
CA THR D 40 9.37 -20.00 5.63
C THR D 40 9.68 -18.63 6.24
N PRO D 41 10.14 -17.66 5.40
CA PRO D 41 10.36 -16.30 5.88
C PRO D 41 9.26 -15.81 6.80
N GLU D 42 8.03 -16.27 6.55
CA GLU D 42 6.86 -15.88 7.34
C GLU D 42 6.61 -16.74 8.57
N LYS D 43 7.56 -17.61 8.90
CA LYS D 43 7.53 -18.38 10.16
C LYS D 43 6.66 -19.63 10.13
N ARG D 44 6.21 -20.01 8.94
CA ARG D 44 5.45 -21.22 8.80
C ARG D 44 6.38 -22.39 8.67
N LEU D 45 6.16 -23.39 9.53
CA LEU D 45 6.93 -24.61 9.56
C LEU D 45 6.21 -25.71 8.78
N GLU D 46 6.91 -26.27 7.80
CA GLU D 46 6.38 -27.37 7.01
C GLU D 46 7.35 -28.56 6.93
N TRP D 47 6.81 -29.76 6.73
CA TRP D 47 7.60 -30.97 6.70
C TRP D 47 8.37 -31.10 5.44
N VAL D 48 9.63 -31.53 5.50
CA VAL D 48 10.34 -31.72 4.25
C VAL D 48 10.54 -33.18 3.91
N ALA D 49 11.21 -33.94 4.79
CA ALA D 49 11.55 -35.34 4.52
C ALA D 49 11.94 -36.05 5.81
N THR D 50 11.97 -37.39 5.75
CA THR D 50 12.25 -38.24 6.91
C THR D 50 12.88 -39.56 6.46
N ILE D 51 13.86 -40.02 7.22
CA ILE D 51 14.51 -41.32 7.00
C ILE D 51 14.32 -42.18 8.26
N SER D 52 14.05 -43.48 8.06
CA SER D 52 13.73 -44.35 9.20
C SER D 52 14.98 -44.63 10.05
N SER D 53 14.77 -44.96 11.33
CA SER D 53 15.87 -45.19 12.29
C SER D 53 16.83 -46.26 11.80
N GLY D 54 16.29 -47.24 11.07
CA GLY D 54 17.10 -48.29 10.43
C GLY D 54 17.65 -47.90 9.06
N GLY D 55 17.14 -46.81 8.50
CA GLY D 55 17.69 -46.25 7.27
C GLY D 55 17.20 -46.88 5.99
N SER D 56 16.20 -47.75 6.09
CA SER D 56 15.64 -48.42 4.92
C SER D 56 14.38 -47.75 4.35
N TYR D 57 13.88 -46.70 4.99
CA TYR D 57 12.65 -46.07 4.50
C TYR D 57 12.70 -44.55 4.45
N THR D 58 12.01 -43.98 3.49
CA THR D 58 11.97 -42.54 3.32
C THR D 58 10.56 -42.03 3.07
N TYR D 59 10.27 -40.83 3.54
CA TYR D 59 8.99 -40.17 3.28
C TYR D 59 9.21 -38.74 2.76
N TYR D 60 8.30 -38.28 1.89
CA TYR D 60 8.31 -36.89 1.45
C TYR D 60 6.87 -36.50 1.27
N PRO D 61 6.44 -35.36 1.81
CA PRO D 61 5.13 -34.89 1.40
C PRO D 61 5.11 -34.54 -0.08
N ASP D 62 3.89 -34.53 -0.63
CA ASP D 62 3.68 -34.44 -2.06
C ASP D 62 4.29 -33.26 -2.79
N ASN D 63 4.38 -32.14 -2.11
CA ASN D 63 4.96 -30.95 -2.72
C ASN D 63 6.48 -31.05 -3.00
N VAL D 64 7.21 -31.86 -2.22
CA VAL D 64 8.65 -32.05 -2.43
C VAL D 64 8.98 -33.41 -2.99
N LYS D 65 8.05 -34.34 -2.85
CA LYS D 65 8.25 -35.69 -3.35
C LYS D 65 8.81 -35.64 -4.75
N GLY D 66 9.70 -36.57 -5.07
CA GLY D 66 10.22 -36.71 -6.42
C GLY D 66 11.21 -35.66 -6.85
N ARG D 67 11.38 -34.58 -6.08
CA ARG D 67 12.36 -33.53 -6.39
C ARG D 67 13.53 -33.51 -5.39
N PHE D 68 13.29 -34.12 -4.24
CA PHE D 68 14.17 -34.08 -3.07
C PHE D 68 14.56 -35.47 -2.63
N THR D 69 15.73 -35.62 -2.06
CA THR D 69 16.11 -36.92 -1.58
C THR D 69 16.82 -36.75 -0.26
N ILE D 70 16.33 -37.45 0.76
CA ILE D 70 17.00 -37.47 2.04
C ILE D 70 17.88 -38.72 2.07
N SER D 71 19.19 -38.51 2.31
CA SER D 71 20.12 -39.61 2.49
C SER D 71 20.84 -39.43 3.83
N ARG D 72 21.41 -40.54 4.34
CA ARG D 72 22.29 -40.52 5.55
C ARG D 72 23.56 -41.32 5.30
N ASP D 73 24.68 -40.84 5.82
CA ASP D 73 25.95 -41.53 5.60
C ASP D 73 26.49 -41.96 6.97
N ILE D 74 26.12 -43.17 7.39
CA ILE D 74 26.43 -43.58 8.77
C ILE D 74 27.93 -43.44 9.13
N ALA D 75 28.80 -43.68 8.15
CA ALA D 75 30.26 -43.43 8.24
C ALA D 75 30.64 -41.98 8.54
N LYS D 76 29.96 -41.04 7.89
CA LYS D 76 30.23 -39.61 8.08
C LYS D 76 29.46 -39.02 9.25
N ASN D 77 28.52 -39.82 9.77
CA ASN D 77 27.60 -39.40 10.83
C ASN D 77 26.91 -38.14 10.41
N THR D 78 26.46 -38.10 9.16
CA THR D 78 25.96 -36.86 8.56
C THR D 78 24.73 -37.13 7.71
N LEU D 79 23.68 -36.33 7.92
CA LEU D 79 22.44 -36.41 7.14
C LEU D 79 22.48 -35.45 5.95
N TYR D 80 21.91 -35.84 4.81
CA TYR D 80 21.89 -34.97 3.64
C TYR D 80 20.48 -34.66 3.15
N LEU D 81 20.35 -33.55 2.42
CA LEU D 81 19.15 -33.27 1.63
C LEU D 81 19.54 -32.81 0.25
N GLN D 82 19.39 -33.68 -0.75
CA GLN D 82 19.61 -33.30 -2.12
C GLN D 82 18.36 -32.65 -2.67
N MET D 83 18.49 -31.38 -3.05
CA MET D 83 17.36 -30.62 -3.57
C MET D 83 17.58 -30.28 -5.03
N SER D 84 16.66 -30.75 -5.85
CA SER D 84 16.73 -30.50 -7.29
C SER D 84 15.45 -29.81 -7.77
N SER D 85 15.53 -29.16 -8.94
CA SER D 85 14.36 -28.57 -9.57
C SER D 85 13.66 -27.67 -8.55
N LEU D 86 14.39 -26.66 -8.10
CA LEU D 86 13.96 -25.80 -7.01
C LEU D 86 12.92 -24.78 -7.42
N ARG D 87 11.97 -24.52 -6.52
CA ARG D 87 10.94 -23.51 -6.74
C ARG D 87 11.07 -22.38 -5.73
N SER D 88 10.59 -21.20 -6.08
CA SER D 88 10.69 -20.08 -5.15
C SER D 88 9.91 -20.42 -3.89
N GLU D 89 8.88 -21.26 -4.03
CA GLU D 89 8.12 -21.68 -2.87
C GLU D 89 8.90 -22.54 -1.89
N ASP D 90 10.08 -22.98 -2.30
CA ASP D 90 10.96 -23.73 -1.42
C ASP D 90 11.82 -22.80 -0.58
N THR D 91 11.83 -21.51 -0.87
CA THR D 91 12.66 -20.57 -0.11
C THR D 91 12.32 -20.57 1.39
N ALA D 92 13.24 -21.01 2.23
CA ALA D 92 12.98 -21.10 3.65
C ALA D 92 14.25 -21.43 4.40
N MET D 93 14.11 -21.61 5.71
CA MET D 93 15.18 -22.06 6.54
C MET D 93 15.08 -23.54 6.79
N TYR D 94 16.17 -24.26 6.55
CA TYR D 94 16.14 -25.71 6.59
C TYR D 94 16.82 -26.19 7.85
N TYR D 95 15.99 -26.79 8.70
CA TYR D 95 16.38 -27.33 9.98
C TYR D 95 16.50 -28.82 9.82
N CYS D 96 17.38 -29.41 10.61
CA CYS D 96 17.67 -30.82 10.56
C CYS D 96 17.26 -31.31 11.95
N ALA D 97 16.51 -32.41 12.03
CA ALA D 97 16.00 -32.83 13.32
C ALA D 97 15.98 -34.34 13.58
N ARG D 98 16.22 -34.75 14.83
CA ARG D 98 16.18 -36.20 15.16
C ARG D 98 15.02 -36.61 16.06
N HIS D 99 14.49 -37.81 15.81
CA HIS D 99 13.46 -38.43 16.63
C HIS D 99 14.03 -39.54 17.45
N PRO D 100 13.94 -39.42 18.79
CA PRO D 100 14.28 -40.54 19.66
C PRO D 100 13.24 -41.65 19.57
N PRO D 101 13.62 -42.86 20.02
CA PRO D 101 12.71 -43.98 20.20
C PRO D 101 11.35 -43.59 20.81
N THR D 102 10.31 -44.26 20.36
CA THR D 102 8.95 -43.89 20.71
C THR D 102 8.71 -44.02 22.19
N VAL D 103 9.52 -44.84 22.84
CA VAL D 103 9.52 -44.99 24.29
C VAL D 103 10.06 -43.74 25.00
N VAL D 104 10.91 -42.98 24.32
CA VAL D 104 11.55 -41.78 24.90
C VAL D 104 10.70 -40.52 24.76
N ALA D 105 10.29 -40.22 23.52
CA ALA D 105 9.48 -39.02 23.27
C ALA D 105 8.44 -39.23 22.17
N GLY D 106 7.49 -40.13 22.43
CA GLY D 106 6.41 -40.48 21.49
C GLY D 106 6.60 -40.07 20.04
N ASP D 107 7.74 -40.48 19.47
CA ASP D 107 8.15 -40.17 18.10
C ASP D 107 8.35 -38.69 17.78
N ALA D 108 8.31 -37.84 18.79
CA ALA D 108 8.54 -36.42 18.59
C ALA D 108 10.02 -36.12 18.34
N MET D 109 10.32 -34.86 18.00
CA MET D 109 11.67 -34.43 17.71
C MET D 109 12.29 -33.77 18.93
N ASP D 110 13.35 -34.37 19.45
CA ASP D 110 13.98 -33.83 20.65
C ASP D 110 15.02 -32.75 20.35
N TYR D 111 15.87 -32.95 19.33
CA TYR D 111 16.90 -31.95 18.97
C TYR D 111 16.74 -31.40 17.57
N TRP D 112 17.03 -30.11 17.44
CA TRP D 112 16.98 -29.41 16.18
C TRP D 112 18.32 -28.78 15.85
N GLY D 113 18.60 -28.59 14.57
CA GLY D 113 19.82 -27.91 14.18
C GLY D 113 19.64 -26.42 14.31
N GLN D 114 20.67 -25.67 13.99
CA GLN D 114 20.58 -24.23 13.92
C GLN D 114 19.95 -23.75 12.60
N GLY D 115 19.75 -24.65 11.63
CA GLY D 115 19.24 -24.30 10.30
C GLY D 115 20.22 -23.71 9.28
N THR D 116 20.05 -23.99 7.99
CA THR D 116 20.60 -23.10 6.94
C THR D 116 19.52 -22.46 6.10
N SER D 117 19.87 -21.30 5.56
CA SER D 117 18.93 -20.51 4.80
C SER D 117 19.14 -20.78 3.33
N VAL D 118 18.04 -21.20 2.70
CA VAL D 118 17.89 -21.44 1.27
C VAL D 118 16.98 -20.38 0.66
N THR D 119 17.47 -19.63 -0.32
CA THR D 119 16.66 -18.65 -1.01
C THR D 119 16.63 -18.92 -2.49
N VAL D 120 15.43 -19.13 -3.02
CA VAL D 120 15.28 -19.45 -4.45
C VAL D 120 14.67 -18.29 -5.22
N SER D 121 15.50 -17.67 -6.06
CA SER D 121 15.09 -16.48 -6.78
C SER D 121 16.03 -16.18 -7.92
N SER D 122 15.51 -15.54 -8.96
CA SER D 122 16.36 -15.13 -10.08
C SER D 122 16.75 -13.65 -9.99
N ALA D 123 16.29 -12.99 -8.94
CA ALA D 123 16.56 -11.60 -8.71
C ALA D 123 18.04 -11.33 -8.57
N LYS D 124 18.53 -10.36 -9.31
CA LYS D 124 19.96 -10.03 -9.28
C LYS D 124 20.44 -9.41 -7.94
N THR D 125 21.61 -9.82 -7.51
CA THR D 125 22.22 -9.24 -6.32
C THR D 125 22.66 -7.76 -6.51
N THR D 126 22.28 -6.92 -5.55
CA THR D 126 22.34 -5.46 -5.68
C THR D 126 22.79 -4.81 -4.37
N PRO D 127 23.83 -3.94 -4.43
CA PRO D 127 24.28 -3.23 -3.24
C PRO D 127 23.25 -2.17 -2.82
N PRO D 128 23.19 -1.84 -1.53
CA PRO D 128 22.24 -0.87 -1.02
C PRO D 128 22.68 0.56 -1.19
N SER D 129 21.71 1.46 -1.20
CA SER D 129 21.97 2.88 -1.12
C SER D 129 21.64 3.28 0.30
N VAL D 130 22.52 4.09 0.90
CA VAL D 130 22.35 4.47 2.29
C VAL D 130 22.19 5.97 2.42
N TYR D 131 21.11 6.36 3.08
CA TYR D 131 20.74 7.77 3.24
C TYR D 131 20.54 8.16 4.71
N PRO D 132 21.02 9.36 5.08
CA PRO D 132 20.89 9.86 6.45
C PRO D 132 19.43 10.23 6.75
N LEU D 133 19.04 10.15 8.01
CA LEU D 133 17.76 10.65 8.38
C LEU D 133 17.97 11.59 9.57
N ALA D 134 18.05 12.87 9.23
CA ALA D 134 18.19 13.94 10.19
C ALA D 134 16.88 14.69 10.19
N PRO D 135 16.51 15.29 11.35
CA PRO D 135 15.26 16.08 11.41
C PRO D 135 15.42 17.46 10.76
N GLY D 136 14.32 18.05 10.29
CA GLY D 136 14.36 19.36 9.60
C GLY D 136 14.02 20.59 10.43
N SER D 137 13.83 20.39 11.74
CA SER D 137 13.26 21.40 12.64
C SER D 137 13.72 21.24 14.11
N SER D 143 15.69 17.85 23.47
CA SER D 143 15.73 17.00 24.67
C SER D 143 16.31 15.58 24.40
N MET D 144 15.67 14.84 23.49
CA MET D 144 16.09 13.50 23.11
C MET D 144 16.06 13.38 21.58
N VAL D 145 17.11 13.83 20.89
CA VAL D 145 17.13 13.84 19.43
C VAL D 145 17.16 12.44 18.82
N THR D 146 16.23 12.14 17.92
CA THR D 146 16.20 10.84 17.21
C THR D 146 16.71 10.94 15.75
N LEU D 147 17.54 9.99 15.32
CA LEU D 147 18.09 9.90 13.93
C LEU D 147 17.96 8.50 13.29
N GLY D 148 18.22 8.40 11.97
CA GLY D 148 18.22 7.09 11.28
C GLY D 148 19.05 6.92 10.01
N CYS D 149 19.10 5.67 9.51
CA CYS D 149 19.52 5.30 8.13
C CYS D 149 18.32 4.45 7.72
N LEU D 150 17.56 4.69 6.65
CA LEU D 150 17.66 4.42 5.22
C LEU D 150 18.61 3.57 4.43
N VAL D 151 18.32 2.26 4.44
CA VAL D 151 19.06 1.31 3.63
C VAL D 151 18.12 0.77 2.57
N LYS D 152 18.28 1.30 1.36
CA LYS D 152 17.31 1.12 0.29
C LYS D 152 17.88 0.30 -0.85
N GLY D 153 17.07 -0.65 -1.34
CA GLY D 153 17.29 -1.28 -2.64
C GLY D 153 18.44 -2.24 -2.80
N TYR D 154 18.71 -3.03 -1.75
CA TYR D 154 19.70 -4.11 -1.82
C TYR D 154 19.06 -5.47 -1.99
N PHE D 155 19.83 -6.46 -2.46
CA PHE D 155 19.42 -7.88 -2.37
C PHE D 155 20.64 -8.79 -2.53
N PRO D 156 20.68 -9.98 -1.90
CA PRO D 156 19.66 -10.60 -1.05
C PRO D 156 19.92 -10.19 0.40
N GLU D 157 19.16 -10.78 1.32
CA GLU D 157 19.40 -10.54 2.73
C GLU D 157 20.66 -11.38 3.03
N PRO D 158 21.39 -11.09 4.12
CA PRO D 158 21.13 -10.05 5.12
C PRO D 158 21.99 -8.81 5.02
N VAL D 159 21.57 -7.79 5.75
CA VAL D 159 22.32 -6.55 5.91
C VAL D 159 22.61 -6.19 7.51
N THR D 160 23.81 -5.70 7.81
CA THR D 160 24.14 -5.40 9.20
C THR D 160 24.39 -3.93 9.39
N VAL D 161 23.72 -3.37 10.38
CA VAL D 161 23.73 -1.94 10.61
C VAL D 161 24.21 -1.66 12.02
N THR D 162 25.21 -0.79 12.12
CA THR D 162 25.72 -0.39 13.42
C THR D 162 25.81 1.13 13.49
N TRP D 163 26.04 1.63 14.69
CA TRP D 163 26.20 3.04 14.93
C TRP D 163 27.47 3.32 15.67
N ASN D 164 28.26 4.24 15.11
CA ASN D 164 29.61 4.49 15.58
C ASN D 164 30.39 3.20 15.81
N SER D 165 30.53 2.44 14.73
CA SER D 165 31.24 1.16 14.71
C SER D 165 30.83 0.22 15.83
N GLY D 166 29.66 0.44 16.43
CA GLY D 166 29.17 -0.45 17.47
C GLY D 166 29.13 0.18 18.85
N SER D 167 29.89 1.27 19.05
CA SER D 167 29.98 1.90 20.36
C SER D 167 28.65 2.46 20.87
N LEU D 168 27.69 2.61 19.96
CA LEU D 168 26.38 3.17 20.28
C LEU D 168 25.31 2.10 20.07
N SER D 169 24.73 1.60 21.18
CA SER D 169 23.75 0.51 21.10
C SER D 169 22.44 0.77 21.85
N SER D 170 22.49 1.58 22.91
CA SER D 170 21.27 1.98 23.62
C SER D 170 20.46 2.95 22.79
N GLY D 171 19.16 2.70 22.71
CA GLY D 171 18.25 3.48 21.87
C GLY D 171 18.33 3.20 20.39
N VAL D 172 18.66 1.96 20.02
CA VAL D 172 18.67 1.60 18.61
C VAL D 172 17.56 0.60 18.28
N HIS D 173 16.81 0.86 17.20
CA HIS D 173 15.89 -0.12 16.62
C HIS D 173 16.21 -0.28 15.19
N THR D 174 16.28 -1.54 14.74
CA THR D 174 16.39 -1.81 13.32
C THR D 174 15.22 -2.64 12.86
N PHE D 175 14.46 -2.06 11.93
CA PHE D 175 13.21 -2.64 11.49
C PHE D 175 13.42 -3.69 10.43
N PRO D 176 12.60 -4.75 10.46
CA PRO D 176 12.72 -5.78 9.45
C PRO D 176 12.72 -5.15 8.06
N ALA D 177 13.49 -5.70 7.14
CA ALA D 177 13.47 -5.25 5.73
C ALA D 177 12.11 -5.53 5.10
N VAL D 178 11.68 -4.68 4.19
CA VAL D 178 10.51 -4.97 3.38
C VAL D 178 10.97 -5.20 1.94
N LEU D 179 10.36 -6.17 1.30
CA LEU D 179 10.67 -6.52 -0.07
C LEU D 179 9.62 -5.94 -0.99
N GLN D 180 10.01 -4.94 -1.78
CA GLN D 180 9.16 -4.44 -2.86
C GLN D 180 9.94 -4.71 -4.13
N SER D 181 9.31 -5.30 -5.13
CA SER D 181 9.93 -5.42 -6.46
C SER D 181 11.29 -6.06 -6.34
N ASP D 182 11.34 -7.26 -5.75
CA ASP D 182 12.62 -7.95 -5.44
C ASP D 182 13.87 -7.06 -5.16
N LEU D 183 13.70 -6.16 -4.21
CA LEU D 183 14.77 -5.42 -3.59
C LEU D 183 14.23 -5.11 -2.21
N TYR D 184 15.14 -5.10 -1.25
CA TYR D 184 14.80 -4.94 0.13
C TYR D 184 15.08 -3.52 0.60
N THR D 185 14.29 -3.06 1.57
CA THR D 185 14.57 -1.81 2.27
C THR D 185 14.37 -1.94 3.78
N LEU D 186 15.34 -1.42 4.54
CA LEU D 186 15.15 -1.21 5.95
C LEU D 186 15.65 0.13 6.40
N SER D 187 15.32 0.46 7.65
CA SER D 187 15.78 1.65 8.29
C SER D 187 16.16 1.30 9.71
N SER D 188 17.01 2.13 10.31
CA SER D 188 17.41 1.97 11.68
C SER D 188 17.29 3.30 12.37
N SER D 189 16.73 3.28 13.59
CA SER D 189 16.65 4.48 14.41
C SER D 189 17.71 4.49 15.51
N VAL D 190 18.08 5.69 15.90
CA VAL D 190 18.93 5.91 17.02
C VAL D 190 18.48 7.19 17.70
N THR D 191 18.18 7.10 18.97
CA THR D 191 17.92 8.25 19.82
C THR D 191 19.08 8.55 20.74
N VAL D 192 19.31 9.82 21.01
CA VAL D 192 20.46 10.23 21.77
C VAL D 192 20.24 11.60 22.37
N PRO D 193 20.93 11.86 23.56
CA PRO D 193 20.65 13.17 24.12
C PRO D 193 20.85 14.31 23.17
N SER D 194 19.93 15.24 23.18
CA SER D 194 20.00 16.37 22.29
C SER D 194 21.33 17.08 22.31
N SER D 195 22.21 16.68 23.22
CA SER D 195 23.51 17.34 23.40
C SER D 195 24.63 16.39 23.06
N THR D 196 24.29 15.13 22.94
CA THR D 196 25.15 14.17 22.35
C THR D 196 25.38 14.62 20.92
N TRP D 197 24.35 15.21 20.34
CA TRP D 197 24.35 15.57 18.96
C TRP D 197 24.02 17.01 18.87
N PRO D 198 24.53 17.70 17.86
CA PRO D 198 25.38 17.09 16.83
C PRO D 198 26.86 17.34 17.07
N SER D 199 27.20 17.99 18.19
CA SER D 199 28.60 18.22 18.54
C SER D 199 29.38 16.92 18.35
N GLU D 200 29.00 15.91 19.11
CA GLU D 200 29.42 14.57 18.87
C GLU D 200 28.68 14.20 17.64
N THR D 201 29.39 13.65 16.67
CA THR D 201 28.77 13.19 15.43
C THR D 201 28.35 11.74 15.58
N VAL D 202 27.27 11.39 14.87
CA VAL D 202 26.73 10.03 14.81
C VAL D 202 26.91 9.50 13.39
N THR D 203 27.39 8.27 13.28
CA THR D 203 27.56 7.63 11.99
C THR D 203 26.92 6.27 12.04
N CYS D 204 26.08 5.98 11.06
CA CYS D 204 25.60 4.61 10.91
C CYS D 204 26.50 3.84 9.94
N ASN D 205 26.82 2.60 10.32
CA ASN D 205 27.66 1.71 9.51
C ASN D 205 26.87 0.55 8.96
N VAL D 206 26.87 0.44 7.64
CA VAL D 206 26.10 -0.59 6.94
C VAL D 206 26.96 -1.54 6.10
N ALA D 207 26.82 -2.83 6.38
CA ALA D 207 27.48 -3.82 5.58
C ALA D 207 26.48 -4.73 4.90
N HIS D 208 26.80 -5.03 3.65
CA HIS D 208 26.06 -5.96 2.81
C HIS D 208 27.04 -6.96 2.26
N PRO D 209 27.28 -8.03 3.03
CA PRO D 209 28.35 -8.97 2.75
C PRO D 209 28.28 -9.43 1.30
N ALA D 210 27.10 -9.85 0.85
CA ALA D 210 26.94 -10.46 -0.45
C ALA D 210 27.49 -9.63 -1.61
N SER D 211 27.49 -8.31 -1.46
CA SER D 211 27.94 -7.42 -2.55
C SER D 211 29.23 -6.68 -2.26
N SER D 212 29.91 -7.07 -1.19
CA SER D 212 31.16 -6.42 -0.75
C SER D 212 30.95 -4.92 -0.56
N THR D 213 29.82 -4.62 0.07
CA THR D 213 29.43 -3.26 0.41
C THR D 213 29.66 -2.99 1.89
N LYS D 214 30.33 -1.89 2.15
CA LYS D 214 30.45 -1.30 3.48
C LYS D 214 30.31 0.21 3.29
N VAL D 215 29.36 0.82 4.00
CA VAL D 215 29.18 2.27 3.94
C VAL D 215 28.99 2.91 5.30
N ASP D 216 29.55 4.12 5.42
CA ASP D 216 29.30 5.01 6.54
C ASP D 216 28.53 6.22 6.07
N LYS D 217 27.36 6.45 6.66
CA LYS D 217 26.75 7.78 6.59
C LYS D 217 26.82 8.46 7.92
N LYS D 218 27.26 9.70 7.89
CA LYS D 218 27.21 10.60 9.02
C LYS D 218 25.94 11.45 8.92
N ILE D 219 25.03 11.25 9.89
CA ILE D 219 23.86 12.11 10.07
C ILE D 219 24.31 13.55 10.43
N VAL D 220 23.85 14.54 9.65
CA VAL D 220 24.16 15.97 9.88
C VAL D 220 22.89 16.87 9.81
N PRO D 221 22.81 17.92 10.66
CA PRO D 221 21.69 18.87 10.64
C PRO D 221 21.37 19.38 9.24
N ARG D 222 20.09 19.44 8.90
CA ARG D 222 19.65 19.87 7.55
C ARG D 222 19.88 21.36 7.27
N ASP E 1 -4.59 -32.82 3.17
CA ASP E 1 -3.88 -32.43 4.42
C ASP E 1 -4.81 -32.34 5.62
N VAL E 2 -4.26 -31.94 6.77
CA VAL E 2 -5.01 -31.76 8.03
C VAL E 2 -4.70 -30.35 8.55
N LEU E 3 -5.69 -29.46 8.53
CA LEU E 3 -5.46 -28.06 8.93
C LEU E 3 -5.49 -27.83 10.44
N MET E 4 -4.33 -27.44 10.97
CA MET E 4 -4.13 -27.25 12.39
C MET E 4 -4.14 -25.78 12.76
N THR E 5 -5.26 -25.31 13.29
CA THR E 5 -5.43 -23.88 13.57
C THR E 5 -5.32 -23.59 15.05
N GLN E 6 -4.29 -22.83 15.40
CA GLN E 6 -4.13 -22.31 16.74
C GLN E 6 -4.87 -21.00 16.84
N THR E 7 -5.75 -20.90 17.84
CA THR E 7 -6.65 -19.76 17.97
C THR E 7 -5.94 -18.41 18.07
N PRO E 8 -5.70 -17.94 19.38
CA PRO E 8 -5.11 -16.59 19.39
C PRO E 8 -3.70 -16.55 18.82
N LEU E 9 -3.56 -15.87 17.68
CA LEU E 9 -2.25 -15.71 17.06
C LEU E 9 -1.26 -15.14 18.07
N SER E 10 -1.78 -14.35 19.01
CA SER E 10 -0.95 -13.77 20.08
C SER E 10 -1.76 -13.68 21.40
N LEU E 11 -1.08 -13.79 22.55
CA LEU E 11 -1.73 -13.57 23.86
C LEU E 11 -0.81 -12.95 24.94
N PRO E 12 -1.17 -11.73 25.45
CA PRO E 12 -0.41 -10.88 26.38
C PRO E 12 -0.56 -11.19 27.88
N VAL E 13 0.55 -11.49 28.55
CA VAL E 13 0.49 -11.82 29.96
C VAL E 13 1.68 -11.33 30.81
N SER E 14 1.36 -10.90 32.02
CA SER E 14 2.34 -10.50 33.03
C SER E 14 2.94 -11.71 33.70
N LEU E 15 4.19 -11.57 34.15
CA LEU E 15 4.96 -12.66 34.71
C LEU E 15 4.27 -13.29 35.93
N GLY E 16 4.37 -14.62 36.04
CA GLY E 16 3.83 -15.34 37.17
C GLY E 16 2.36 -15.65 37.03
N ASP E 17 1.84 -15.57 35.81
CA ASP E 17 0.42 -15.78 35.57
C ASP E 17 0.11 -17.09 34.88
N GLN E 18 -1.17 -17.39 34.76
CA GLN E 18 -1.67 -18.50 33.94
C GLN E 18 -1.50 -18.12 32.47
N ALA E 19 -1.46 -19.13 31.61
CA ALA E 19 -1.44 -18.95 30.16
C ALA E 19 -2.03 -20.19 29.49
N SER E 20 -2.92 -19.98 28.53
CA SER E 20 -3.56 -21.07 27.79
C SER E 20 -3.53 -20.83 26.28
N ILE E 21 -2.68 -21.56 25.58
CA ILE E 21 -2.73 -21.56 24.13
C ILE E 21 -3.57 -22.73 23.67
N SER E 22 -4.54 -22.44 22.81
CA SER E 22 -5.38 -23.47 22.24
C SER E 22 -4.88 -23.85 20.84
N CYS E 23 -5.22 -25.07 20.42
CA CYS E 23 -4.98 -25.56 19.08
C CYS E 23 -6.16 -26.44 18.71
N ARG E 24 -6.79 -26.10 17.58
CA ARG E 24 -7.91 -26.86 17.05
C ARG E 24 -7.49 -27.55 15.76
N SER E 25 -7.81 -28.83 15.66
CA SER E 25 -7.42 -29.58 14.47
C SER E 25 -8.53 -29.66 13.44
N SER E 26 -8.13 -29.88 12.18
CA SER E 26 -9.06 -30.11 11.07
C SER E 26 -10.08 -31.21 11.41
N GLN E 27 -9.59 -32.37 11.84
CA GLN E 27 -10.45 -33.41 12.41
C GLN E 27 -9.78 -34.09 13.61
N SER E 28 -10.45 -35.11 14.15
CA SER E 28 -9.89 -35.87 15.27
C SER E 28 -8.52 -36.43 14.93
N LEU E 29 -7.60 -36.23 15.86
CA LEU E 29 -6.21 -36.65 15.71
C LEU E 29 -5.94 -37.95 16.46
N VAL E 30 -7.01 -38.68 16.79
CA VAL E 30 -6.88 -39.93 17.53
C VAL E 30 -6.46 -41.02 16.54
N HIS E 31 -5.26 -41.57 16.75
CA HIS E 31 -4.67 -42.55 15.84
C HIS E 31 -5.41 -43.85 15.89
N SER E 32 -5.27 -44.62 14.82
CA SER E 32 -5.90 -45.94 14.71
C SER E 32 -5.56 -46.87 15.89
N ASP E 33 -4.46 -46.58 16.58
CA ASP E 33 -4.06 -47.33 17.79
C ASP E 33 -4.47 -46.61 19.10
N GLY E 34 -5.50 -45.76 19.02
CA GLY E 34 -6.02 -45.06 20.19
C GLY E 34 -5.06 -44.13 20.91
N ASN E 35 -4.08 -43.61 20.19
CA ASN E 35 -3.21 -42.58 20.74
C ASN E 35 -3.59 -41.23 20.18
N THR E 36 -3.00 -40.17 20.73
CA THR E 36 -3.15 -38.85 20.13
C THR E 36 -1.79 -38.23 19.86
N TYR E 37 -1.36 -38.28 18.60
CA TYR E 37 -0.04 -37.79 18.28
C TYR E 37 -0.07 -36.28 17.99
N LEU E 38 -0.30 -35.56 19.09
CA LEU E 38 -0.32 -34.12 19.12
C LEU E 38 0.88 -33.69 19.96
N GLU E 39 1.65 -32.75 19.44
CA GLU E 39 2.88 -32.31 20.07
C GLU E 39 2.95 -30.79 20.22
N TRP E 40 3.75 -30.31 21.17
CA TRP E 40 3.87 -28.88 21.41
C TRP E 40 5.29 -28.47 21.44
N TYR E 41 5.60 -27.42 20.69
CA TYR E 41 6.97 -26.93 20.55
C TYR E 41 7.06 -25.45 20.90
N LEU E 42 8.21 -25.05 21.42
CA LEU E 42 8.48 -23.64 21.65
C LEU E 42 9.70 -23.17 20.85
N GLN E 43 9.53 -22.10 20.11
CA GLN E 43 10.65 -21.49 19.41
C GLN E 43 11.01 -20.14 20.04
N LYS E 44 12.08 -20.13 20.81
CA LYS E 44 12.57 -18.89 21.40
C LYS E 44 13.24 -18.13 20.28
N PRO E 45 13.28 -16.79 20.38
CA PRO E 45 13.83 -15.93 19.32
C PRO E 45 15.19 -16.38 18.83
N GLY E 46 15.33 -16.52 17.52
CA GLY E 46 16.62 -16.88 16.93
C GLY E 46 17.09 -18.27 17.28
N GLN E 47 16.15 -19.17 17.55
CA GLN E 47 16.45 -20.57 17.78
C GLN E 47 15.57 -21.50 16.98
N SER E 48 15.87 -22.79 17.06
CA SER E 48 14.99 -23.81 16.55
C SER E 48 13.92 -24.00 17.59
N PRO E 49 12.84 -24.70 17.22
CA PRO E 49 11.85 -25.10 18.21
C PRO E 49 12.39 -26.13 19.20
N ASN E 50 11.75 -26.20 20.35
CA ASN E 50 12.06 -27.19 21.36
C ASN E 50 10.82 -27.97 21.67
N LEU E 51 10.99 -29.26 21.83
CA LEU E 51 9.87 -30.09 22.17
C LEU E 51 9.43 -29.84 23.60
N LEU E 52 8.13 -29.65 23.80
CA LEU E 52 7.58 -29.51 25.16
C LEU E 52 6.74 -30.71 25.57
N ILE E 53 5.65 -30.93 24.84
CA ILE E 53 4.76 -32.05 25.09
C ILE E 53 4.77 -32.97 23.88
N TYR E 54 4.75 -34.28 24.13
CA TYR E 54 4.48 -35.22 23.08
C TYR E 54 3.25 -36.02 23.50
N LYS E 55 2.75 -36.83 22.57
CA LYS E 55 1.59 -37.72 22.79
C LYS E 55 0.53 -37.11 23.70
N LEU E 56 -0.08 -36.02 23.23
CA LEU E 56 -1.20 -35.40 23.93
C LEU E 56 -0.83 -34.57 25.17
N SER E 57 -0.39 -35.25 26.23
CA SER E 57 -0.26 -34.63 27.55
C SER E 57 1.01 -34.93 28.33
N ASN E 58 1.99 -35.56 27.68
CA ASN E 58 3.23 -35.98 28.34
C ASN E 58 4.34 -34.96 28.26
N ARG E 59 4.89 -34.55 29.41
CA ARG E 59 5.98 -33.58 29.42
C ARG E 59 7.23 -34.17 28.79
N PHE E 60 8.35 -33.49 28.96
CA PHE E 60 9.60 -33.93 28.36
C PHE E 60 10.79 -33.56 29.25
N SER E 61 11.72 -34.50 29.40
CA SER E 61 12.97 -34.29 30.13
C SER E 61 13.44 -32.83 30.05
N GLY E 62 13.43 -32.14 31.18
CA GLY E 62 13.98 -30.78 31.27
C GLY E 62 12.98 -29.66 31.12
N VAL E 63 11.71 -30.02 31.00
CA VAL E 63 10.58 -29.08 30.95
C VAL E 63 10.21 -28.66 32.37
N PRO E 64 10.61 -27.46 32.82
CA PRO E 64 10.21 -27.08 34.19
C PRO E 64 8.72 -27.32 34.28
N ASP E 65 8.22 -27.93 35.34
CA ASP E 65 6.78 -28.21 35.34
C ASP E 65 5.80 -27.13 35.79
N ARG E 66 6.09 -25.91 35.32
CA ARG E 66 5.12 -24.85 35.19
C ARG E 66 4.33 -25.11 33.90
N PHE E 67 4.73 -26.11 33.13
CA PHE E 67 4.05 -26.47 31.90
C PHE E 67 3.13 -27.67 32.14
N SER E 68 2.30 -27.98 31.14
CA SER E 68 1.27 -29.03 31.20
C SER E 68 0.53 -29.01 29.87
N GLY E 69 -0.31 -30.01 29.57
CA GLY E 69 -1.04 -29.94 28.30
C GLY E 69 -2.14 -30.90 27.87
N SER E 70 -3.27 -30.92 28.62
CA SER E 70 -4.42 -31.79 28.29
C SER E 70 -5.49 -31.14 27.34
N GLY E 71 -6.67 -31.83 27.21
CA GLY E 71 -7.58 -31.44 26.04
C GLY E 71 -8.07 -32.83 25.43
N SER E 72 -8.82 -32.68 24.37
CA SER E 72 -9.28 -33.91 23.67
C SER E 72 -9.84 -33.76 22.24
N GLY E 73 -9.66 -34.86 21.45
CA GLY E 73 -10.28 -35.01 20.13
C GLY E 73 -9.83 -34.06 19.06
N THR E 74 -10.21 -32.79 19.23
CA THR E 74 -9.84 -31.70 18.30
C THR E 74 -9.53 -30.39 19.06
N ASP E 75 -9.70 -30.42 20.39
CA ASP E 75 -9.49 -29.22 21.22
C ASP E 75 -8.51 -29.41 22.39
N PHE E 76 -7.25 -28.99 22.15
CA PHE E 76 -6.10 -29.16 23.07
C PHE E 76 -5.49 -27.82 23.48
N THR E 77 -4.76 -27.81 24.59
CA THR E 77 -4.25 -26.57 25.11
C THR E 77 -2.98 -26.73 25.88
N LEU E 78 -2.06 -25.82 25.57
CA LEU E 78 -0.82 -25.73 26.28
C LEU E 78 -0.96 -24.81 27.49
N LYS E 79 -1.40 -25.38 28.60
CA LYS E 79 -1.45 -24.65 29.87
C LYS E 79 -0.04 -24.34 30.37
N ILE E 80 0.17 -23.12 30.82
CA ILE E 80 1.45 -22.69 31.41
C ILE E 80 1.24 -22.07 32.80
N SER E 81 1.88 -22.68 33.80
CA SER E 81 1.65 -22.39 35.22
C SER E 81 2.33 -21.15 35.78
N ARG E 82 3.55 -20.71 35.34
CA ARG E 82 4.19 -19.57 35.89
C ARG E 82 5.02 -18.62 35.03
N VAL E 83 5.93 -17.98 35.76
CA VAL E 83 6.55 -16.70 35.45
C VAL E 83 7.43 -16.81 34.23
N GLU E 84 8.61 -16.21 34.33
CA GLU E 84 9.81 -16.56 33.55
C GLU E 84 10.00 -15.75 32.28
N ALA E 85 11.06 -14.93 32.27
CA ALA E 85 11.58 -14.30 31.05
C ALA E 85 11.84 -15.36 29.97
N GLU E 86 11.97 -16.61 30.43
CA GLU E 86 12.10 -17.80 29.61
C GLU E 86 11.08 -17.91 28.49
N ASP E 87 9.90 -17.32 28.69
CA ASP E 87 8.74 -17.82 27.97
C ASP E 87 8.36 -17.07 26.69
N LEU E 88 8.79 -15.82 26.52
CA LEU E 88 8.49 -15.07 25.30
C LEU E 88 8.92 -15.92 24.09
N GLY E 89 8.09 -15.94 23.05
CA GLY E 89 8.39 -16.70 21.85
C GLY E 89 7.12 -17.22 21.24
N VAL E 90 7.26 -18.02 20.20
CA VAL E 90 6.10 -18.52 19.46
C VAL E 90 5.90 -19.99 19.76
N TYR E 91 4.70 -20.35 20.20
CA TYR E 91 4.40 -21.73 20.53
C TYR E 91 3.68 -22.39 19.40
N TYR E 92 4.18 -23.53 19.00
CA TYR E 92 3.55 -24.26 17.94
C TYR E 92 2.95 -25.55 18.48
N CYS E 93 1.75 -25.90 18.01
CA CYS E 93 1.24 -27.25 18.15
C CYS E 93 1.68 -28.02 16.90
N PHE E 94 1.69 -29.34 17.00
CA PHE E 94 2.21 -30.18 15.93
C PHE E 94 1.50 -31.52 15.95
N GLN E 95 1.17 -32.03 14.78
CA GLN E 95 0.59 -33.35 14.71
C GLN E 95 1.48 -34.35 13.96
N GLY E 96 1.57 -35.55 14.51
CA GLY E 96 2.36 -36.59 13.90
C GLY E 96 1.50 -37.75 13.46
N SER E 97 0.30 -37.82 14.03
CA SER E 97 -0.63 -38.93 13.81
C SER E 97 -0.93 -39.19 12.35
N HIS E 98 -1.08 -38.10 11.59
CA HIS E 98 -1.55 -38.18 10.21
C HIS E 98 -0.56 -37.81 9.19
N VAL E 99 -0.52 -38.62 8.13
CA VAL E 99 0.72 -38.89 7.37
C VAL E 99 1.44 -37.73 6.68
N PRO E 100 0.73 -36.63 6.38
CA PRO E 100 1.59 -35.47 6.21
C PRO E 100 1.63 -34.72 7.54
N PRO E 101 2.70 -34.88 8.34
CA PRO E 101 2.75 -34.25 9.65
C PRO E 101 2.65 -32.73 9.50
N THR E 102 1.96 -32.08 10.42
CA THR E 102 1.63 -30.67 10.21
C THR E 102 1.73 -29.86 11.47
N PHE E 103 2.13 -28.61 11.29
CA PHE E 103 2.30 -27.70 12.39
C PHE E 103 1.09 -26.80 12.52
N GLY E 104 1.02 -26.09 13.63
CA GLY E 104 0.12 -24.95 13.76
C GLY E 104 0.80 -23.72 13.16
N GLY E 105 0.07 -22.62 13.12
CA GLY E 105 0.60 -21.37 12.59
C GLY E 105 1.37 -20.62 13.66
N GLY E 106 1.28 -21.14 14.88
CA GLY E 106 1.94 -20.55 16.01
C GLY E 106 1.09 -19.54 16.73
N THR E 107 1.26 -19.51 18.05
CA THR E 107 0.72 -18.46 18.90
C THR E 107 1.88 -17.71 19.54
N LYS E 108 2.00 -16.41 19.23
CA LYS E 108 3.00 -15.57 19.88
C LYS E 108 2.52 -15.30 21.31
N LEU E 109 3.44 -15.39 22.26
CA LEU E 109 3.15 -15.07 23.66
C LEU E 109 3.54 -13.66 23.97
N GLU E 110 2.54 -12.78 23.95
CA GLU E 110 2.75 -11.38 24.20
C GLU E 110 2.83 -11.16 25.73
N ILE E 111 3.86 -10.43 26.15
CA ILE E 111 4.05 -10.00 27.56
C ILE E 111 3.41 -8.63 27.88
N LYS E 112 2.52 -8.61 28.86
CA LYS E 112 1.91 -7.36 29.31
C LYS E 112 2.94 -6.47 30.04
N ARG E 113 2.72 -5.17 29.95
CA ARG E 113 3.57 -4.17 30.59
C ARG E 113 2.82 -2.83 30.53
N ALA E 114 3.36 -1.81 31.20
CA ALA E 114 2.70 -0.50 31.30
C ALA E 114 2.55 0.15 29.93
N ASP E 115 1.39 0.76 29.69
CA ASP E 115 1.10 1.47 28.42
C ASP E 115 2.14 2.56 28.14
N ALA E 116 2.60 2.62 26.91
CA ALA E 116 3.56 3.64 26.52
C ALA E 116 3.15 4.26 25.21
N ALA E 117 3.20 5.59 25.21
CA ALA E 117 2.85 6.38 24.04
C ALA E 117 4.03 6.34 23.08
N PRO E 118 3.74 6.25 21.77
CA PRO E 118 4.81 6.19 20.77
C PRO E 118 5.61 7.48 20.69
N THR E 119 6.89 7.38 20.37
CA THR E 119 7.67 8.56 20.02
C THR E 119 7.81 8.62 18.51
N VAL E 120 7.16 9.64 17.96
CA VAL E 120 7.08 9.84 16.51
C VAL E 120 8.14 10.79 15.97
N SER E 121 8.89 10.29 14.99
CA SER E 121 9.88 11.09 14.30
C SER E 121 9.56 11.02 12.83
N ILE E 122 9.62 12.16 12.15
CA ILE E 122 9.37 12.23 10.71
C ILE E 122 10.59 12.81 9.96
N PHE E 123 10.96 12.19 8.83
CA PHE E 123 12.17 12.58 8.12
C PHE E 123 11.89 12.80 6.66
N PRO E 124 12.27 13.99 6.14
CA PRO E 124 12.24 14.30 4.70
C PRO E 124 13.31 13.48 3.99
N PRO E 125 13.28 13.50 2.66
CA PRO E 125 14.22 12.66 1.95
C PRO E 125 15.62 13.24 2.06
N SER E 126 16.64 12.38 1.99
CA SER E 126 18.03 12.82 1.87
C SER E 126 18.19 13.53 0.53
N SER E 127 19.05 14.52 0.50
CA SER E 127 19.36 15.21 -0.76
C SER E 127 20.13 14.33 -1.74
N GLU E 128 20.85 13.34 -1.20
CA GLU E 128 21.52 12.32 -2.00
C GLU E 128 20.49 11.53 -2.73
N GLN E 129 19.42 11.12 -2.03
CA GLN E 129 18.36 10.35 -2.64
C GLN E 129 17.69 11.17 -3.72
N LEU E 130 17.53 12.47 -3.45
CA LEU E 130 16.90 13.36 -4.40
C LEU E 130 17.69 13.47 -5.69
N THR E 131 19.01 13.44 -5.59
CA THR E 131 19.85 13.50 -6.77
C THR E 131 19.65 12.27 -7.64
N SER E 132 19.41 11.12 -7.01
CA SER E 132 19.17 9.88 -7.75
C SER E 132 17.80 9.84 -8.38
N GLY E 133 16.90 10.69 -7.90
CA GLY E 133 15.61 10.88 -8.56
C GLY E 133 14.44 10.38 -7.76
N GLY E 134 14.73 9.82 -6.59
CA GLY E 134 13.71 9.35 -5.67
C GLY E 134 13.59 10.25 -4.45
N ALA E 135 12.58 9.99 -3.64
CA ALA E 135 12.35 10.75 -2.43
C ALA E 135 11.49 9.93 -1.49
N SER E 136 12.11 9.46 -0.41
CA SER E 136 11.44 8.64 0.58
C SER E 136 11.17 9.43 1.83
N VAL E 137 9.90 9.55 2.17
CA VAL E 137 9.51 10.16 3.45
C VAL E 137 9.34 9.08 4.52
N VAL E 138 10.11 9.17 5.59
CA VAL E 138 10.14 8.14 6.61
C VAL E 138 9.57 8.58 7.93
N CYS E 139 8.89 7.67 8.59
CA CYS E 139 8.27 8.00 9.86
C CYS E 139 8.43 6.88 10.85
N PHE E 140 9.15 7.17 11.94
CA PHE E 140 9.36 6.22 13.02
C PHE E 140 8.36 6.44 14.14
N LEU E 141 7.72 5.34 14.56
CA LEU E 141 6.85 5.37 15.75
C LEU E 141 7.38 4.35 16.73
N ASN E 142 8.03 4.86 17.78
CA ASN E 142 8.87 4.02 18.61
C ASN E 142 8.40 3.80 20.05
N ASN E 143 8.63 2.58 20.53
CA ASN E 143 8.54 2.25 21.95
C ASN E 143 7.18 2.53 22.55
N PHE E 144 6.17 1.92 21.93
CA PHE E 144 4.80 2.03 22.38
C PHE E 144 4.27 0.70 22.87
N TYR E 145 3.23 0.73 23.70
CA TYR E 145 2.52 -0.47 24.08
C TYR E 145 1.11 -0.06 24.45
N PRO E 146 0.08 -0.83 24.03
CA PRO E 146 0.02 -2.11 23.29
C PRO E 146 0.39 -2.03 21.81
N LYS E 147 0.28 -3.17 21.13
CA LYS E 147 0.65 -3.31 19.70
C LYS E 147 -0.26 -2.56 18.73
N ASP E 148 -1.54 -2.43 19.12
CA ASP E 148 -2.53 -1.77 18.29
C ASP E 148 -2.18 -0.31 18.03
N ILE E 149 -1.82 -0.02 16.78
CA ILE E 149 -1.58 1.36 16.32
C ILE E 149 -2.07 1.61 14.88
N ASN E 150 -2.63 2.81 14.65
CA ASN E 150 -2.94 3.31 13.31
C ASN E 150 -1.93 4.38 12.91
N VAL E 151 -1.30 4.19 11.74
CA VAL E 151 -0.56 5.27 11.10
C VAL E 151 -1.32 5.81 9.93
N LYS E 152 -1.25 7.11 9.74
CA LYS E 152 -1.91 7.75 8.64
C LYS E 152 -1.03 8.88 8.15
N TRP E 153 -0.85 8.89 6.84
CA TRP E 153 -0.12 9.95 6.15
C TRP E 153 -1.06 10.97 5.56
N LYS E 154 -0.60 12.21 5.38
CA LYS E 154 -1.39 13.29 4.74
C LYS E 154 -0.45 14.18 3.96
N ILE E 155 -0.80 14.44 2.70
CA ILE E 155 -0.04 15.34 1.85
C ILE E 155 -0.84 16.58 1.56
N ASP E 156 -0.33 17.71 2.04
CA ASP E 156 -1.06 18.98 1.95
C ASP E 156 -2.45 18.74 2.49
N GLY E 157 -2.51 18.36 3.77
CA GLY E 157 -3.77 18.16 4.47
C GLY E 157 -4.61 17.00 3.97
N SER E 158 -4.07 16.26 3.00
CA SER E 158 -4.86 15.23 2.32
C SER E 158 -4.35 13.79 2.48
N GLU E 159 -5.25 12.90 2.92
CA GLU E 159 -4.89 11.51 3.20
C GLU E 159 -4.46 10.74 1.98
N ARG E 160 -3.63 9.73 2.23
CA ARG E 160 -2.86 9.05 1.17
C ARG E 160 -2.47 7.65 1.65
N GLN E 161 -2.88 6.61 0.92
CA GLN E 161 -2.45 5.24 1.26
C GLN E 161 -1.49 4.60 0.26
N ASN E 162 -1.70 4.88 -1.02
CA ASN E 162 -0.86 4.25 -2.04
C ASN E 162 0.60 4.65 -1.91
N GLY E 163 1.46 3.66 -1.96
CA GLY E 163 2.89 3.93 -1.94
C GLY E 163 3.49 3.96 -0.55
N VAL E 164 2.68 3.60 0.46
CA VAL E 164 3.11 3.53 1.86
C VAL E 164 3.55 2.10 2.22
N LEU E 165 4.78 1.98 2.72
CA LEU E 165 5.38 0.71 3.18
C LEU E 165 5.60 0.68 4.69
N ASN E 166 5.16 -0.39 5.34
CA ASN E 166 5.21 -0.53 6.81
C ASN E 166 6.03 -1.68 7.32
N SER E 167 6.73 -1.46 8.43
CA SER E 167 7.50 -2.50 9.05
C SER E 167 7.36 -2.42 10.54
N TRP E 168 7.11 -3.55 11.15
CA TRP E 168 6.90 -3.62 12.58
C TRP E 168 7.95 -4.48 13.17
N THR E 169 8.48 -4.09 14.33
CA THR E 169 9.38 -4.98 15.08
C THR E 169 8.54 -5.95 15.86
N ASP E 170 9.13 -7.11 16.18
CA ASP E 170 8.55 -8.02 17.15
C ASP E 170 8.70 -7.34 18.49
N GLN E 171 7.85 -7.72 19.44
CA GLN E 171 7.92 -7.19 20.80
C GLN E 171 9.36 -7.16 21.22
N ASP E 172 9.83 -6.00 21.67
CA ASP E 172 11.20 -5.86 22.14
C ASP E 172 11.36 -6.79 23.34
N SER E 173 12.38 -7.65 23.31
CA SER E 173 12.59 -8.67 24.36
C SER E 173 13.09 -8.07 25.67
N LYS E 174 13.61 -6.84 25.62
CA LYS E 174 14.05 -6.16 26.84
C LYS E 174 12.98 -5.34 27.59
N ASP E 175 12.39 -4.34 26.96
CA ASP E 175 11.38 -3.54 27.66
C ASP E 175 9.95 -3.85 27.20
N SER E 176 9.81 -4.93 26.42
CA SER E 176 8.53 -5.35 25.80
C SER E 176 7.65 -4.21 25.25
N THR E 177 8.28 -3.28 24.54
CA THR E 177 7.54 -2.28 23.74
C THR E 177 7.62 -2.63 22.25
N TYR E 178 6.76 -2.02 21.45
CA TYR E 178 6.78 -2.24 20.00
C TYR E 178 7.27 -1.01 19.28
N SER E 179 7.70 -1.21 18.04
CA SER E 179 8.08 -0.08 17.22
C SER E 179 7.71 -0.31 15.77
N MET E 180 7.79 0.75 14.98
CA MET E 180 7.31 0.69 13.64
C MET E 180 7.82 1.83 12.80
N SER E 181 8.32 1.49 11.61
CA SER E 181 8.64 2.47 10.59
C SER E 181 7.56 2.48 9.50
N SER E 182 7.34 3.65 8.92
CA SER E 182 6.43 3.77 7.80
C SER E 182 7.09 4.65 6.73
N THR E 183 7.07 4.19 5.49
CA THR E 183 7.69 4.98 4.46
C THR E 183 6.76 5.28 3.30
N LEU E 184 6.67 6.56 2.95
CA LEU E 184 6.07 6.99 1.71
C LEU E 184 7.21 7.18 0.71
N THR E 185 7.10 6.55 -0.43
CA THR E 185 8.16 6.67 -1.42
C THR E 185 7.62 7.27 -2.67
N LEU E 186 8.32 8.29 -3.17
CA LEU E 186 7.86 9.04 -4.33
C LEU E 186 9.03 9.34 -5.23
N THR E 187 8.75 9.70 -6.47
CA THR E 187 9.80 10.19 -7.34
C THR E 187 10.07 11.64 -6.92
N LYS E 188 11.29 12.12 -7.18
CA LYS E 188 11.64 13.50 -6.85
C LYS E 188 10.55 14.44 -7.32
N ASP E 189 10.22 14.33 -8.61
CA ASP E 189 9.21 15.17 -9.24
C ASP E 189 7.92 15.09 -8.49
N GLU E 190 7.46 13.88 -8.27
CA GLU E 190 6.20 13.66 -7.58
C GLU E 190 6.22 14.34 -6.21
N TYR E 191 7.26 14.06 -5.43
CA TYR E 191 7.46 14.65 -4.09
C TYR E 191 7.33 16.16 -4.18
N GLU E 192 8.02 16.75 -5.17
CA GLU E 192 8.14 18.19 -5.27
C GLU E 192 6.88 18.90 -5.69
N ARG E 193 5.82 18.15 -6.00
CA ARG E 193 4.52 18.77 -6.28
C ARG E 193 3.82 19.31 -5.06
N HIS E 194 4.02 18.70 -3.91
CA HIS E 194 3.34 19.10 -2.69
C HIS E 194 4.28 19.81 -1.75
N ASN E 195 3.74 20.50 -0.75
CA ASN E 195 4.61 21.20 0.19
C ASN E 195 4.72 20.50 1.54
N SER E 196 3.60 20.26 2.20
CA SER E 196 3.68 19.76 3.55
C SER E 196 3.34 18.28 3.62
N TYR E 197 4.11 17.58 4.44
CA TYR E 197 3.93 16.17 4.62
C TYR E 197 3.71 15.90 6.09
N THR E 198 2.78 14.99 6.36
CA THR E 198 2.34 14.72 7.72
C THR E 198 2.21 13.23 8.01
N CYS E 199 2.50 12.90 9.25
CA CYS E 199 2.51 11.54 9.69
C CYS E 199 1.79 11.47 11.00
N GLU E 200 0.66 10.79 11.04
CA GLU E 200 -0.10 10.85 12.28
C GLU E 200 -0.54 9.53 12.90
N ALA E 201 -0.16 9.38 14.15
CA ALA E 201 -0.35 8.16 14.88
C ALA E 201 -1.57 8.20 15.79
N THR E 202 -2.32 7.09 15.80
CA THR E 202 -3.41 6.92 16.76
C THR E 202 -3.18 5.70 17.62
N HIS E 203 -3.00 5.93 18.91
CA HIS E 203 -2.69 4.89 19.86
C HIS E 203 -3.58 5.06 21.06
N LYS E 204 -3.91 3.97 21.75
CA LYS E 204 -4.87 4.05 22.85
C LYS E 204 -4.42 4.97 24.01
N THR E 205 -3.13 5.29 24.06
CA THR E 205 -2.56 6.20 25.05
C THR E 205 -3.04 7.65 24.91
N SER E 206 -3.74 7.96 23.81
CA SER E 206 -4.16 9.33 23.51
C SER E 206 -5.46 9.33 22.71
N THR E 207 -6.43 10.14 23.14
CA THR E 207 -7.70 10.22 22.42
C THR E 207 -7.57 11.04 21.14
N SER E 208 -6.63 11.97 21.11
CA SER E 208 -6.31 12.70 19.88
C SER E 208 -4.96 12.20 19.32
N PRO E 209 -4.76 12.31 18.00
CA PRO E 209 -3.58 11.71 17.38
C PRO E 209 -2.26 12.44 17.68
N ILE E 210 -1.15 11.74 17.53
CA ILE E 210 0.18 12.39 17.60
C ILE E 210 0.58 12.76 16.19
N VAL E 211 0.59 14.04 15.88
CA VAL E 211 0.79 14.46 14.50
C VAL E 211 2.13 15.17 14.30
N LYS E 212 2.95 14.67 13.41
CA LYS E 212 4.20 15.34 13.15
C LYS E 212 4.29 15.63 11.69
N SER E 213 4.83 16.78 11.33
CA SER E 213 5.00 17.10 9.91
C SER E 213 6.09 18.14 9.59
N PHE E 214 6.34 18.33 8.29
CA PHE E 214 7.29 19.32 7.77
C PHE E 214 6.81 19.79 6.43
N ASN E 215 7.35 20.91 5.96
CA ASN E 215 7.08 21.43 4.63
C ASN E 215 8.39 21.49 3.86
N ARG E 216 8.39 21.30 2.54
CA ARG E 216 9.58 21.67 1.76
C ARG E 216 9.62 23.19 1.60
N ASN E 217 9.89 23.87 2.71
CA ASN E 217 9.61 25.31 2.91
C ASN E 217 8.80 26.15 1.89
N ASN F 1 16.07 -52.47 14.81
CA ASN F 1 16.67 -51.21 14.31
C ASN F 1 15.67 -50.45 13.46
N GLU F 2 14.61 -51.15 13.03
CA GLU F 2 13.48 -50.50 12.38
C GLU F 2 12.32 -50.54 13.33
N SER F 3 12.63 -50.76 14.59
CA SER F 3 11.66 -51.15 15.59
C SER F 3 11.60 -50.17 16.74
N LEU F 4 12.41 -49.11 16.65
CA LEU F 4 12.47 -48.08 17.71
C LEU F 4 11.35 -47.07 17.58
N ASN F 5 10.89 -46.88 16.34
CA ASN F 5 9.72 -46.04 16.06
C ASN F 5 8.47 -46.86 15.69
N THR F 6 7.87 -47.38 16.75
CA THR F 6 6.46 -47.77 16.81
C THR F 6 5.80 -46.41 17.11
N GLY F 7 4.48 -46.30 17.16
CA GLY F 7 3.91 -44.94 17.25
C GLY F 7 3.95 -44.18 15.92
N TRP F 8 3.64 -42.88 15.95
CA TRP F 8 3.24 -42.17 14.70
C TRP F 8 4.16 -42.15 13.51
N LEU F 9 5.47 -42.17 13.77
CA LEU F 9 6.45 -42.11 12.69
C LEU F 9 6.30 -43.31 11.80
N ALA F 10 5.94 -44.44 12.39
CA ALA F 10 5.72 -45.69 11.65
C ALA F 10 4.75 -45.45 10.51
N GLY F 11 3.78 -44.58 10.80
CA GLY F 11 2.78 -44.12 9.84
C GLY F 11 3.33 -43.51 8.57
N LEU F 12 4.51 -42.89 8.65
CA LEU F 12 5.08 -42.21 7.48
C LEU F 12 5.63 -43.16 6.42
N PHE F 13 5.66 -44.46 6.74
CA PHE F 13 6.22 -45.45 5.82
C PHE F 13 5.27 -46.58 5.53
#